data_6I1G
#
_entry.id   6I1G
#
_cell.length_a   107.804
_cell.length_b   107.804
_cell.length_c   117.735
_cell.angle_alpha   90.00
_cell.angle_beta   90.00
_cell.angle_gamma   120.00
#
_symmetry.space_group_name_H-M   'P 32 2 1'
#
loop_
_entity.id
_entity.type
_entity.pdbx_description
1 polymer 'Penicillin-binding protein,Penicillin-binding protein'
2 non-polymer 'Piperacillin (Open Form)'
3 water water
#
_entity_poly.entity_id   1
_entity_poly.type   'polypeptide(L)'
_entity_poly.pdbx_seq_one_letter_code
;GPGYQDPLTINADLQRVAEESLNAAVKRVGGVWGSAAVLEIGTGRLLALAPGGTRSVSAIYEPGSVGKLVTLAAAIDQKK
VTPTSTFTVSSTRDMPNGERISDDSPHETQDMTVAGIIAHSYNTGTVQIGDTVSDSVRYEYMQKFGWGAKTGITLPSEES
GILRPHTEWGDRDHYTTMFGQGVAVTTIQLAQMVAVFGQKGVLIPPRIIDGYDDENGVYTPTVMGESRQVVSEDTAQTVL
NIMQGATQPGGTAEGIGAVKGYNVAAKTGTAENVGSSGSLTDTAATFTALIPAENPKIAVAVVIYKENGTVYGSTASAPV
FVDIAQFAMREMKIPPSTVPLYKYPW
;
_entity_poly.pdbx_strand_id   A,B
#
# COMPACT_ATOMS: atom_id res chain seq x y z
N GLN A 5 19.30 10.81 -5.20
CA GLN A 5 17.93 10.96 -5.76
C GLN A 5 16.94 10.17 -4.87
N ASP A 6 17.05 8.84 -4.88
CA ASP A 6 15.97 7.97 -4.43
C ASP A 6 15.65 8.03 -2.94
N PRO A 7 14.52 8.67 -2.59
CA PRO A 7 14.20 8.82 -1.18
C PRO A 7 13.39 7.64 -0.61
N LEU A 8 12.91 6.75 -1.46
CA LEU A 8 12.31 5.52 -0.99
C LEU A 8 13.37 4.45 -0.79
N THR A 9 12.98 3.38 -0.14
CA THR A 9 13.87 2.37 0.38
C THR A 9 13.81 1.11 -0.46
N ILE A 10 12.75 1.01 -1.27
CA ILE A 10 12.52 -0.19 -2.06
C ILE A 10 13.67 -0.49 -3.00
N ASN A 11 14.10 -1.76 -3.03
CA ASN A 11 15.02 -2.26 -4.03
C ASN A 11 14.17 -2.86 -5.15
N ALA A 12 14.23 -2.21 -6.32
CA ALA A 12 13.37 -2.51 -7.48
C ALA A 12 13.49 -3.94 -8.00
N ASP A 13 14.71 -4.46 -8.06
CA ASP A 13 14.94 -5.84 -8.45
C ASP A 13 14.30 -6.78 -7.45
N LEU A 14 14.58 -6.53 -6.17
CA LEU A 14 14.02 -7.34 -5.08
C LEU A 14 12.51 -7.31 -5.09
N GLN A 15 11.93 -6.14 -5.30
CA GLN A 15 10.50 -5.98 -5.45
C GLN A 15 9.91 -6.87 -6.56
N ARG A 16 10.56 -6.87 -7.72
CA ARG A 16 10.11 -7.65 -8.85
C ARG A 16 10.16 -9.15 -8.55
N VAL A 17 11.21 -9.57 -7.84
CA VAL A 17 11.36 -10.97 -7.45
C VAL A 17 10.19 -11.33 -6.57
N ALA A 18 9.96 -10.52 -5.55
CA ALA A 18 8.86 -10.71 -4.61
C ALA A 18 7.52 -10.90 -5.33
N GLU A 19 7.14 -9.90 -6.14
CA GLU A 19 5.88 -9.87 -6.87
C GLU A 19 5.68 -11.12 -7.73
N GLU A 20 6.73 -11.51 -8.44
CA GLU A 20 6.75 -12.68 -9.28
C GLU A 20 6.47 -13.96 -8.51
N SER A 21 7.29 -14.18 -7.47
CA SER A 21 7.23 -15.35 -6.58
C SER A 21 5.86 -15.45 -5.97
N LEU A 22 5.47 -14.34 -5.34
CA LEU A 22 4.20 -14.18 -4.72
C LEU A 22 3.12 -14.54 -5.72
N ASN A 23 3.05 -13.83 -6.83
CA ASN A 23 1.96 -14.07 -7.79
C ASN A 23 1.87 -15.54 -8.17
N ALA A 24 3.01 -16.14 -8.48
CA ALA A 24 3.07 -17.53 -8.88
C ALA A 24 2.54 -18.46 -7.79
N ALA A 25 3.01 -18.23 -6.57
CA ALA A 25 2.64 -19.04 -5.41
C ALA A 25 1.14 -19.01 -5.14
N VAL A 26 0.54 -17.83 -5.27
CA VAL A 26 -0.90 -17.68 -5.11
C VAL A 26 -1.61 -18.47 -6.19
N LYS A 27 -1.14 -18.40 -7.43
CA LYS A 27 -1.72 -19.22 -8.51
C LYS A 27 -1.52 -20.70 -8.21
N ARG A 28 -0.27 -21.09 -8.04
CA ARG A 28 0.07 -22.49 -7.74
C ARG A 28 -0.91 -23.15 -6.76
N VAL A 29 -1.23 -22.40 -5.71
CA VAL A 29 -1.92 -22.88 -4.51
C VAL A 29 -3.43 -22.55 -4.49
N GLY A 30 -3.89 -21.84 -5.50
CA GLY A 30 -5.29 -21.53 -5.63
C GLY A 30 -5.75 -20.48 -4.66
N GLY A 31 -4.84 -19.62 -4.22
CA GLY A 31 -5.19 -18.60 -3.22
C GLY A 31 -5.99 -17.47 -3.83
N VAL A 32 -6.49 -16.55 -3.00
CA VAL A 32 -7.18 -15.36 -3.53
C VAL A 32 -6.32 -14.11 -3.44
N TRP A 33 -5.37 -14.11 -2.49
CA TRP A 33 -4.33 -13.08 -2.42
C TRP A 33 -3.17 -13.48 -1.53
N GLY A 34 -2.14 -12.65 -1.50
CA GLY A 34 -0.91 -12.93 -0.79
C GLY A 34 -0.29 -11.61 -0.42
N SER A 35 0.82 -11.64 0.29
CA SER A 35 1.59 -10.45 0.65
C SER A 35 2.98 -10.84 1.17
N ALA A 36 3.97 -9.97 1.00
CA ALA A 36 5.33 -10.24 1.41
C ALA A 36 5.98 -8.93 1.77
N ALA A 37 6.72 -8.90 2.87
CA ALA A 37 7.50 -7.73 3.27
C ALA A 37 8.91 -8.19 3.59
N VAL A 38 9.89 -7.46 3.06
CA VAL A 38 11.29 -7.70 3.38
C VAL A 38 11.84 -6.43 4.02
N LEU A 39 12.25 -6.56 5.28
CA LEU A 39 12.83 -5.49 6.06
C LEU A 39 14.31 -5.75 6.23
N GLU A 40 15.09 -4.70 6.07
CA GLU A 40 16.52 -4.75 6.33
C GLU A 40 16.69 -4.74 7.85
N ILE A 41 17.51 -5.66 8.35
CA ILE A 41 17.77 -5.78 9.77
C ILE A 41 18.63 -4.63 10.23
N GLY A 42 18.28 -4.02 11.36
CA GLY A 42 19.09 -2.97 11.95
C GLY A 42 18.63 -1.56 11.61
N THR A 43 17.91 -1.41 10.51
CA THR A 43 17.55 -0.09 10.04
C THR A 43 16.07 0.05 9.92
N GLY A 44 15.36 -1.06 9.79
CA GLY A 44 13.92 -0.99 9.65
C GLY A 44 13.47 -0.52 8.27
N ARG A 45 14.41 -0.51 7.34
CA ARG A 45 14.15 -0.10 5.96
C ARG A 45 13.49 -1.21 5.12
N LEU A 46 12.35 -0.87 4.48
CA LEU A 46 11.65 -1.79 3.57
C LEU A 46 12.38 -1.93 2.27
N LEU A 47 12.88 -3.12 2.01
CA LEU A 47 13.52 -3.45 0.76
C LEU A 47 12.52 -3.89 -0.31
N ALA A 48 11.37 -4.42 0.10
CA ALA A 48 10.35 -4.90 -0.82
C ALA A 48 8.99 -5.03 -0.13
N LEU A 49 7.91 -4.76 -0.84
CA LEU A 49 6.56 -4.90 -0.30
C LEU A 49 5.60 -5.21 -1.43
N ALA A 50 5.14 -6.45 -1.45
CA ALA A 50 4.24 -6.97 -2.47
C ALA A 50 2.94 -7.24 -1.75
N PRO A 51 1.79 -6.99 -2.41
CA PRO A 51 1.66 -6.77 -3.84
C PRO A 51 1.70 -5.32 -4.35
N GLY A 52 2.13 -4.35 -3.54
CA GLY A 52 2.32 -3.03 -4.13
C GLY A 52 1.15 -2.05 -4.16
N GLY A 53 -0.08 -2.54 -3.98
CA GLY A 53 -1.16 -1.67 -3.50
C GLY A 53 -0.95 -1.22 -2.05
N THR A 54 -1.97 -1.39 -1.21
CA THR A 54 -1.86 -1.08 0.22
C THR A 54 -2.41 -2.23 1.06
N ARG A 55 -2.96 -3.22 0.38
CA ARG A 55 -3.45 -4.41 1.05
C ARG A 55 -2.42 -5.05 1.97
N SER A 56 -1.14 -4.94 1.63
CA SER A 56 -0.06 -5.50 2.44
C SER A 56 -0.04 -4.92 3.85
N VAL A 57 -0.54 -3.70 3.95
CA VAL A 57 -0.44 -2.88 5.14
C VAL A 57 -1.82 -2.77 5.82
N SER A 58 -2.86 -3.23 5.15
CA SER A 58 -4.24 -2.95 5.54
C SER A 58 -5.09 -4.20 5.65
N ALA A 59 -4.69 -5.26 4.95
CA ALA A 59 -5.30 -6.56 5.14
C ALA A 59 -4.76 -7.16 6.44
N ILE A 60 -5.69 -7.48 7.35
CA ILE A 60 -5.42 -8.15 8.64
C ILE A 60 -5.93 -9.60 8.62
N TYR A 61 -5.30 -10.47 9.40
CA TYR A 61 -5.67 -11.88 9.39
C TYR A 61 -5.07 -12.60 10.60
N GLU A 62 -5.68 -13.71 11.03
CA GLU A 62 -5.08 -14.52 12.07
C GLU A 62 -3.85 -15.19 11.47
N PRO A 63 -2.66 -14.89 12.02
CA PRO A 63 -1.37 -15.33 11.48
C PRO A 63 -1.00 -16.78 11.77
N GLY A 64 -1.65 -17.42 12.74
CA GLY A 64 -1.28 -18.78 13.13
C GLY A 64 0.07 -18.91 13.83
N SER A 65 0.69 -20.05 13.60
CA SER A 65 1.80 -20.53 14.41
C SER A 65 3.11 -19.80 14.22
N VAL A 66 3.02 -18.62 13.65
CA VAL A 66 4.14 -17.73 13.59
C VAL A 66 4.06 -16.93 14.89
N GLY A 67 2.85 -16.79 15.42
CA GLY A 67 2.59 -16.13 16.71
C GLY A 67 3.24 -16.85 17.88
N LYS A 68 3.49 -18.14 17.70
CA LYS A 68 4.23 -18.97 18.65
C LYS A 68 5.56 -18.37 19.11
N LEU A 69 6.18 -17.51 18.32
CA LEU A 69 7.45 -16.90 18.68
C LEU A 69 7.25 -15.90 19.79
N VAL A 70 6.08 -15.29 19.83
CA VAL A 70 5.77 -14.29 20.87
C VAL A 70 5.67 -14.95 22.24
N THR A 71 4.97 -16.07 22.29
CA THR A 71 4.77 -16.80 23.51
C THR A 71 6.08 -17.48 23.96
N LEU A 72 6.79 -18.08 23.00
CA LEU A 72 8.11 -18.66 23.25
C LEU A 72 9.06 -17.63 23.87
N ALA A 73 9.07 -16.45 23.31
CA ALA A 73 9.96 -15.42 23.77
C ALA A 73 9.59 -14.99 25.18
N ALA A 74 8.29 -14.83 25.45
CA ALA A 74 7.80 -14.45 26.77
C ALA A 74 8.29 -15.43 27.83
N ALA A 75 7.96 -16.71 27.66
CA ALA A 75 8.42 -17.76 28.54
C ALA A 75 9.93 -17.72 28.76
N ILE A 76 10.70 -17.51 27.71
CA ILE A 76 12.16 -17.46 27.83
C ILE A 76 12.63 -16.18 28.54
N ASP A 77 12.02 -15.06 28.19
CA ASP A 77 12.41 -13.78 28.77
C ASP A 77 12.21 -13.77 30.29
N GLN A 78 11.02 -14.24 30.68
CA GLN A 78 10.63 -14.48 32.06
C GLN A 78 11.38 -15.63 32.72
N LYS A 79 12.32 -16.22 32.00
CA LYS A 79 13.16 -17.30 32.50
C LYS A 79 12.35 -18.49 32.98
N LYS A 80 11.10 -18.60 32.54
CA LYS A 80 10.24 -19.69 32.95
C LYS A 80 10.58 -21.00 32.25
N VAL A 81 11.40 -20.96 31.21
CA VAL A 81 11.64 -22.14 30.34
C VAL A 81 13.00 -21.94 29.67
N THR A 82 13.55 -23.00 29.10
CA THR A 82 14.76 -22.91 28.28
C THR A 82 14.61 -23.75 26.99
N PRO A 83 15.53 -23.60 26.04
CA PRO A 83 15.45 -24.44 24.83
C PRO A 83 15.37 -25.91 25.17
N THR A 84 16.06 -26.30 26.25
CA THR A 84 16.20 -27.71 26.59
C THR A 84 15.25 -28.19 27.68
N SER A 85 14.38 -27.32 28.20
CA SER A 85 13.24 -27.76 28.99
C SER A 85 12.43 -28.76 28.17
N THR A 86 11.85 -29.76 28.82
CA THR A 86 11.17 -30.88 28.18
C THR A 86 9.69 -30.90 28.54
N PHE A 87 8.82 -31.15 27.55
CA PHE A 87 7.39 -31.30 27.77
C PHE A 87 6.90 -32.44 26.91
N THR A 88 5.74 -32.95 27.28
CA THR A 88 5.09 -34.04 26.56
C THR A 88 4.22 -33.55 25.39
N VAL A 89 4.51 -34.10 24.22
CA VAL A 89 3.75 -33.79 23.01
C VAL A 89 2.85 -34.96 22.67
N SER A 90 1.63 -34.64 22.25
CA SER A 90 0.57 -35.63 22.08
C SER A 90 -0.35 -35.17 20.99
N SER A 91 -1.08 -36.09 20.36
CA SER A 91 -2.01 -35.69 19.31
C SER A 91 -3.11 -34.81 19.87
N THR A 92 -3.51 -35.02 21.12
CA THR A 92 -4.34 -34.03 21.81
C THR A 92 -3.85 -33.89 23.23
N ARG A 93 -4.43 -32.96 23.97
CA ARG A 93 -4.08 -32.80 25.35
C ARG A 93 -5.14 -31.98 26.02
N ASP A 94 -5.76 -32.52 27.05
CA ASP A 94 -6.77 -31.81 27.78
C ASP A 94 -6.11 -30.92 28.82
N MET A 95 -6.54 -29.67 28.86
CA MET A 95 -5.90 -28.68 29.70
C MET A 95 -6.68 -28.58 31.00
N PRO A 96 -6.01 -28.09 32.05
CA PRO A 96 -6.67 -27.66 33.26
C PRO A 96 -8.05 -27.10 33.02
N ASN A 97 -8.15 -25.99 32.29
CA ASN A 97 -9.41 -25.24 32.18
C ASN A 97 -10.51 -25.88 31.29
N GLY A 98 -10.35 -27.17 31.01
CA GLY A 98 -11.39 -27.92 30.30
C GLY A 98 -11.22 -27.91 28.81
N GLU A 99 -10.23 -27.16 28.34
CA GLU A 99 -9.89 -27.11 26.93
C GLU A 99 -9.14 -28.35 26.47
N ARG A 100 -9.55 -28.90 25.35
CA ARG A 100 -8.71 -29.84 24.60
C ARG A 100 -7.94 -29.08 23.52
N ILE A 101 -6.64 -29.32 23.43
CA ILE A 101 -5.79 -28.74 22.40
C ILE A 101 -5.36 -29.88 21.50
N SER A 102 -5.27 -29.64 20.21
CA SER A 102 -4.86 -30.70 19.27
C SER A 102 -3.71 -30.27 18.35
N ASP A 103 -2.86 -31.23 18.02
CA ASP A 103 -1.83 -31.05 17.04
C ASP A 103 -2.45 -31.21 15.65
N ASP A 104 -1.82 -30.61 14.64
CA ASP A 104 -2.30 -30.64 13.25
C ASP A 104 -2.77 -32.03 12.82
N SER A 105 -1.95 -33.02 13.13
CA SER A 105 -2.17 -34.40 12.75
C SER A 105 -1.57 -35.28 13.85
N PRO A 106 -2.30 -36.34 14.25
CA PRO A 106 -1.90 -37.26 15.31
C PRO A 106 -0.48 -37.83 15.18
N HIS A 107 0.16 -38.08 16.32
CA HIS A 107 1.50 -38.66 16.34
C HIS A 107 1.64 -39.39 17.63
N GLU A 108 2.58 -40.33 17.71
CA GLU A 108 2.86 -41.04 18.97
C GLU A 108 3.35 -40.02 19.99
N THR A 109 2.82 -40.09 21.20
CA THR A 109 3.22 -39.13 22.23
C THR A 109 4.66 -39.44 22.63
N GLN A 110 5.35 -38.41 23.10
CA GLN A 110 6.75 -38.53 23.48
C GLN A 110 7.14 -37.25 24.20
N ASP A 111 8.32 -37.26 24.81
CA ASP A 111 8.83 -36.04 25.40
C ASP A 111 9.74 -35.37 24.40
N MET A 112 9.68 -34.02 24.36
CA MET A 112 10.52 -33.21 23.48
C MET A 112 11.00 -31.98 24.21
N THR A 113 12.17 -31.46 23.84
CA THR A 113 12.62 -30.14 24.32
C THR A 113 11.82 -29.03 23.67
N VAL A 114 11.84 -27.84 24.26
CA VAL A 114 11.23 -26.66 23.65
C VAL A 114 11.70 -26.47 22.20
N ALA A 115 13.01 -26.57 22.01
CA ALA A 115 13.65 -26.48 20.71
C ALA A 115 12.92 -27.30 19.68
N GLY A 116 12.79 -28.58 19.96
CA GLY A 116 12.10 -29.51 19.07
C GLY A 116 10.62 -29.28 18.95
N ILE A 117 10.01 -28.72 20.00
CA ILE A 117 8.58 -28.51 20.00
C ILE A 117 8.25 -27.52 18.92
N ILE A 118 8.77 -26.30 19.03
CA ILE A 118 8.36 -25.31 18.06
C ILE A 118 8.95 -25.65 16.69
N ALA A 119 10.10 -26.32 16.66
CA ALA A 119 10.59 -26.89 15.40
C ALA A 119 9.57 -27.78 14.70
N HIS A 120 8.96 -28.73 15.42
CA HIS A 120 7.84 -29.50 14.88
C HIS A 120 6.57 -28.72 14.87
N SER A 121 6.54 -27.60 15.60
CA SER A 121 5.33 -26.79 15.82
C SER A 121 4.18 -27.70 16.29
N TYR A 122 4.34 -28.18 17.53
CA TYR A 122 3.34 -29.00 18.22
C TYR A 122 2.61 -28.09 19.18
N ASN A 123 1.30 -27.92 18.95
CA ASN A 123 0.49 -27.07 19.80
C ASN A 123 0.49 -27.55 21.23
N THR A 124 0.42 -28.88 21.39
CA THR A 124 0.35 -29.52 22.68
C THR A 124 1.57 -29.20 23.53
N GLY A 125 2.75 -29.16 22.91
CA GLY A 125 3.95 -28.66 23.57
C GLY A 125 3.93 -27.16 23.89
N THR A 126 3.48 -26.34 22.95
CA THR A 126 3.63 -24.87 23.07
C THR A 126 2.65 -24.29 24.08
N VAL A 127 1.47 -24.89 24.12
CA VAL A 127 0.41 -24.58 25.06
C VAL A 127 0.92 -24.70 26.50
N GLN A 128 1.65 -25.78 26.78
CA GLN A 128 2.33 -25.99 28.07
C GLN A 128 3.35 -24.87 28.33
N ILE A 129 4.24 -24.63 27.37
CA ILE A 129 5.19 -23.49 27.39
C ILE A 129 4.52 -22.14 27.68
N GLY A 130 3.33 -21.93 27.15
CA GLY A 130 2.62 -20.67 27.37
C GLY A 130 2.04 -20.55 28.77
N ASP A 131 1.67 -21.71 29.33
CA ASP A 131 1.10 -21.82 30.68
C ASP A 131 2.09 -21.49 31.81
N THR A 132 3.37 -21.42 31.46
CA THR A 132 4.40 -21.04 32.40
C THR A 132 4.47 -19.51 32.65
N VAL A 133 3.61 -18.75 31.97
CA VAL A 133 3.63 -17.29 32.00
C VAL A 133 2.19 -16.77 32.07
N SER A 134 1.96 -15.68 32.79
CA SER A 134 0.59 -15.22 33.00
C SER A 134 0.10 -14.57 31.73
N ASP A 135 -1.22 -14.58 31.55
CA ASP A 135 -1.86 -13.95 30.41
C ASP A 135 -1.57 -12.45 30.30
N SER A 136 -1.54 -11.74 31.41
CA SER A 136 -1.22 -10.31 31.39
C SER A 136 0.25 -10.06 31.02
N VAL A 137 1.11 -11.03 31.30
CA VAL A 137 2.52 -10.93 30.91
C VAL A 137 2.63 -11.16 29.39
N ARG A 138 2.17 -12.32 28.92
CA ARG A 138 2.02 -12.56 27.47
C ARG A 138 1.43 -11.37 26.75
N TYR A 139 0.28 -10.91 27.20
CA TYR A 139 -0.42 -9.80 26.58
C TYR A 139 0.50 -8.57 26.39
N GLU A 140 1.32 -8.31 27.39
CA GLU A 140 2.22 -7.16 27.38
C GLU A 140 3.33 -7.38 26.36
N TYR A 141 3.79 -8.62 26.22
CA TYR A 141 4.80 -8.93 25.24
C TYR A 141 4.24 -8.81 23.83
N MET A 142 3.02 -9.30 23.64
CA MET A 142 2.32 -9.17 22.37
C MET A 142 2.30 -7.73 21.93
N GLN A 143 2.05 -6.80 22.86
CA GLN A 143 1.98 -5.36 22.55
C GLN A 143 3.33 -4.74 22.24
N LYS A 144 4.38 -5.27 22.86
CA LYS A 144 5.73 -4.74 22.71
C LYS A 144 6.31 -5.18 21.37
N PHE A 145 5.88 -6.35 20.91
CA PHE A 145 6.19 -6.89 19.60
C PHE A 145 5.43 -6.13 18.49
N GLY A 146 4.46 -5.33 18.91
CA GLY A 146 3.81 -4.35 18.05
C GLY A 146 2.42 -4.73 17.60
N TRP A 147 1.89 -5.83 18.13
CA TRP A 147 0.54 -6.27 17.80
C TRP A 147 -0.50 -5.31 18.27
N GLY A 148 -1.60 -5.26 17.52
CA GLY A 148 -2.72 -4.38 17.83
C GLY A 148 -2.46 -2.90 17.64
N ALA A 149 -1.27 -2.54 17.15
CA ALA A 149 -0.96 -1.16 16.80
C ALA A 149 -0.35 -1.05 15.40
N LYS A 150 -0.68 0.03 14.70
CA LYS A 150 0.00 0.47 13.50
C LYS A 150 1.50 0.55 13.71
N THR A 151 2.26 0.07 12.73
CA THR A 151 3.72 0.15 12.73
C THR A 151 4.19 1.58 12.56
N GLY A 152 3.32 2.40 11.98
CA GLY A 152 3.60 3.81 11.71
C GLY A 152 4.39 4.10 10.45
N ILE A 153 4.33 3.19 9.46
CA ILE A 153 4.93 3.43 8.15
C ILE A 153 4.13 4.46 7.37
N THR A 154 4.84 5.25 6.56
CA THR A 154 4.26 6.38 5.84
C THR A 154 3.66 5.88 4.52
N LEU A 155 2.53 5.17 4.63
CA LEU A 155 1.76 4.64 3.51
C LEU A 155 0.31 4.65 3.95
N PRO A 156 -0.61 5.08 3.07
CA PRO A 156 -1.98 5.23 3.53
C PRO A 156 -2.66 3.90 3.89
N SER A 157 -3.64 3.98 4.79
CA SER A 157 -4.53 2.85 5.11
C SER A 157 -3.94 1.65 5.91
N GLU A 158 -2.91 1.91 6.73
CA GLU A 158 -2.38 0.89 7.62
C GLU A 158 -3.46 0.51 8.60
N GLU A 159 -3.67 -0.79 8.76
CA GLU A 159 -4.57 -1.26 9.80
C GLU A 159 -3.77 -1.60 11.05
N SER A 160 -4.40 -1.38 12.21
CA SER A 160 -3.76 -1.50 13.50
C SER A 160 -3.66 -2.94 14.00
N GLY A 161 -4.35 -3.86 13.32
CA GLY A 161 -4.47 -5.24 13.81
C GLY A 161 -5.51 -5.30 14.89
N ILE A 162 -5.87 -6.52 15.30
CA ILE A 162 -6.78 -6.75 16.45
C ILE A 162 -6.09 -7.52 17.56
N LEU A 163 -6.01 -6.89 18.74
CA LEU A 163 -5.47 -7.55 19.94
C LEU A 163 -6.38 -7.26 21.13
N ARG A 164 -7.40 -8.10 21.34
CA ARG A 164 -8.29 -7.95 22.50
C ARG A 164 -7.55 -8.01 23.85
N PRO A 165 -7.94 -7.12 24.80
CA PRO A 165 -7.30 -7.10 26.12
C PRO A 165 -7.47 -8.45 26.81
N HIS A 166 -6.40 -8.91 27.46
CA HIS A 166 -6.34 -10.29 27.93
C HIS A 166 -7.47 -10.54 28.88
N THR A 167 -7.78 -9.53 29.68
CA THR A 167 -8.85 -9.60 30.66
C THR A 167 -10.19 -9.92 29.99
N GLU A 168 -10.10 -10.20 28.69
CA GLU A 168 -11.27 -10.45 27.89
C GLU A 168 -11.21 -11.84 27.25
N TRP A 169 -10.12 -12.57 27.49
CA TRP A 169 -9.98 -13.88 26.87
C TRP A 169 -10.69 -14.94 27.65
N GLY A 170 -11.48 -15.78 26.96
CA GLY A 170 -12.04 -16.97 27.56
C GLY A 170 -11.04 -18.13 27.72
N ASP A 171 -11.55 -19.31 28.02
CA ASP A 171 -10.71 -20.51 28.19
C ASP A 171 -10.02 -20.88 26.88
N ARG A 172 -10.72 -20.70 25.76
CA ARG A 172 -10.20 -20.99 24.42
C ARG A 172 -9.15 -19.96 24.03
N ASP A 173 -9.54 -18.69 24.11
CA ASP A 173 -8.65 -17.55 23.89
C ASP A 173 -7.35 -17.65 24.68
N HIS A 174 -7.43 -18.08 25.93
CA HIS A 174 -6.22 -18.31 26.72
C HIS A 174 -5.20 -19.07 25.92
N TYR A 175 -5.63 -20.16 25.28
CA TYR A 175 -4.72 -20.98 24.51
C TYR A 175 -4.56 -20.64 23.01
N THR A 176 -5.59 -20.10 22.38
CA THR A 176 -5.51 -19.83 20.94
C THR A 176 -4.55 -18.70 20.64
N THR A 177 -4.56 -17.66 21.49
CA THR A 177 -3.64 -16.55 21.33
C THR A 177 -2.19 -17.00 21.54
N MET A 178 -2.00 -18.22 22.02
CA MET A 178 -0.66 -18.78 22.19
C MET A 178 -0.02 -19.15 20.87
N PHE A 179 -0.83 -19.47 19.87
CA PHE A 179 -0.34 -19.81 18.53
C PHE A 179 -1.06 -19.01 17.44
N GLY A 180 -1.17 -17.70 17.68
CA GLY A 180 -1.65 -16.74 16.67
C GLY A 180 -3.05 -16.90 16.12
N GLN A 181 -3.98 -17.30 16.97
CA GLN A 181 -5.39 -17.31 16.62
C GLN A 181 -6.11 -16.45 17.62
N GLY A 182 -7.31 -15.99 17.28
CA GLY A 182 -8.01 -15.05 18.18
C GLY A 182 -7.28 -13.71 18.27
N VAL A 183 -6.39 -13.49 17.31
CA VAL A 183 -5.63 -12.26 17.14
C VAL A 183 -5.52 -12.01 15.63
N ALA A 184 -5.58 -10.74 15.22
CA ALA A 184 -5.44 -10.32 13.83
C ALA A 184 -4.19 -9.50 13.61
N VAL A 185 -3.58 -9.69 12.45
CA VAL A 185 -2.27 -9.12 12.14
C VAL A 185 -2.18 -8.67 10.67
N THR A 186 -1.36 -7.66 10.39
CA THR A 186 -0.97 -7.31 9.00
C THR A 186 0.44 -7.84 8.74
N THR A 187 0.83 -7.96 7.47
CA THR A 187 2.08 -8.61 7.09
C THR A 187 3.26 -7.76 7.53
N ILE A 188 3.03 -6.46 7.67
CA ILE A 188 4.08 -5.49 8.05
C ILE A 188 4.44 -5.68 9.56
N GLN A 189 3.38 -5.82 10.37
CA GLN A 189 3.47 -6.19 11.76
C GLN A 189 4.30 -7.47 11.97
N LEU A 190 4.02 -8.49 11.15
CA LEU A 190 4.71 -9.77 11.24
C LEU A 190 6.21 -9.68 10.93
N ALA A 191 6.61 -8.73 10.10
CA ALA A 191 8.00 -8.61 9.68
C ALA A 191 8.75 -7.90 10.76
N GLN A 192 8.10 -6.87 11.29
CA GLN A 192 8.61 -6.04 12.37
C GLN A 192 8.91 -6.92 13.57
N MET A 193 8.00 -7.87 13.81
CA MET A 193 8.08 -8.82 14.90
C MET A 193 9.29 -9.70 14.81
N VAL A 194 9.33 -10.56 13.79
CA VAL A 194 10.45 -11.46 13.64
C VAL A 194 11.78 -10.71 13.61
N ALA A 195 11.76 -9.48 13.12
CA ALA A 195 12.94 -8.63 13.03
C ALA A 195 13.64 -8.46 14.36
N VAL A 196 12.85 -8.46 15.44
CA VAL A 196 13.33 -8.37 16.84
C VAL A 196 14.40 -9.40 17.17
N PHE A 197 14.21 -10.62 16.69
CA PHE A 197 15.11 -11.73 16.96
C PHE A 197 16.46 -11.63 16.25
N GLY A 198 16.57 -10.68 15.31
CA GLY A 198 17.84 -10.44 14.64
C GLY A 198 18.42 -9.12 15.08
N GLN A 199 17.73 -8.50 16.03
CA GLN A 199 18.04 -7.15 16.44
C GLN A 199 18.34 -7.03 17.92
N LYS A 200 18.77 -8.15 18.51
CA LYS A 200 19.18 -8.26 19.93
C LYS A 200 18.05 -7.85 20.86
N GLY A 201 16.84 -8.26 20.48
CA GLY A 201 15.63 -7.99 21.22
C GLY A 201 15.02 -6.62 21.03
N VAL A 202 15.62 -5.83 20.14
CA VAL A 202 15.08 -4.51 19.75
C VAL A 202 14.11 -4.57 18.56
N LEU A 203 12.98 -3.86 18.70
CA LEU A 203 12.05 -3.62 17.60
C LEU A 203 12.29 -2.22 17.01
N ILE A 204 12.64 -2.19 15.72
CA ILE A 204 12.81 -0.96 14.98
C ILE A 204 11.57 -0.74 14.11
N PRO A 205 10.93 0.46 14.22
CA PRO A 205 9.77 0.77 13.40
C PRO A 205 10.15 0.86 11.92
N PRO A 206 9.38 0.15 11.06
CA PRO A 206 9.71 0.15 9.64
C PRO A 206 9.54 1.53 8.96
N ARG A 207 10.29 1.71 7.87
CA ARG A 207 10.41 2.93 7.09
C ARG A 207 10.47 2.60 5.60
N ILE A 208 9.68 3.34 4.82
CA ILE A 208 9.79 3.32 3.35
C ILE A 208 10.53 4.54 2.82
N ILE A 209 10.70 5.55 3.67
CA ILE A 209 11.38 6.78 3.31
C ILE A 209 12.72 6.97 4.03
N ASP A 210 13.80 7.01 3.26
CA ASP A 210 15.13 7.31 3.78
C ASP A 210 15.22 8.74 4.30
N GLY A 211 15.39 9.73 3.42
CA GLY A 211 15.59 11.12 3.84
C GLY A 211 15.07 12.18 2.88
N GLY A 225 21.38 19.34 -3.77
CA GLY A 225 20.87 17.97 -4.06
C GLY A 225 21.25 16.99 -2.97
N SER A 227 12.58 3.46 18.47
CA SER A 227 12.70 2.01 18.58
C SER A 227 12.80 1.56 20.03
N ARG A 228 12.40 0.31 20.31
CA ARG A 228 12.22 -0.13 21.69
C ARG A 228 12.75 -1.53 21.96
N GLN A 229 13.06 -1.78 23.23
CA GLN A 229 13.51 -3.11 23.68
C GLN A 229 12.30 -3.96 24.09
N VAL A 230 12.14 -5.09 23.43
CA VAL A 230 10.98 -5.94 23.58
C VAL A 230 11.35 -7.08 24.52
N VAL A 231 12.55 -7.61 24.28
CA VAL A 231 13.03 -8.84 24.88
C VAL A 231 14.52 -8.63 25.14
N SER A 232 15.13 -9.51 25.93
CA SER A 232 16.54 -9.36 26.23
C SER A 232 17.37 -9.77 25.02
N GLU A 233 18.59 -9.26 24.95
CA GLU A 233 19.54 -9.65 23.92
C GLU A 233 19.74 -11.16 23.93
N ASP A 234 19.81 -11.74 25.12
CA ASP A 234 19.99 -13.18 25.30
C ASP A 234 18.82 -14.03 24.85
N THR A 235 17.60 -13.61 25.14
CA THR A 235 16.44 -14.41 24.75
C THR A 235 16.20 -14.34 23.25
N ALA A 236 16.43 -13.14 22.69
CA ALA A 236 16.44 -12.92 21.24
C ALA A 236 17.35 -13.92 20.54
N GLN A 237 18.60 -14.02 20.97
CA GLN A 237 19.53 -14.97 20.40
C GLN A 237 19.10 -16.43 20.53
N THR A 238 18.45 -16.78 21.64
CA THR A 238 18.03 -18.16 21.88
C THR A 238 16.81 -18.45 21.01
N VAL A 239 15.90 -17.49 20.91
CA VAL A 239 14.80 -17.63 19.96
C VAL A 239 15.34 -17.76 18.53
N LEU A 240 16.43 -17.05 18.25
CA LEU A 240 17.08 -17.17 16.98
C LEU A 240 17.63 -18.57 16.70
N ASN A 241 18.11 -19.28 17.73
CA ASN A 241 18.71 -20.61 17.54
C ASN A 241 17.65 -21.66 17.33
N ILE A 242 16.56 -21.49 18.09
CA ILE A 242 15.42 -22.37 18.05
C ILE A 242 14.79 -22.28 16.68
N MET A 243 14.81 -21.07 16.13
CA MET A 243 14.22 -20.78 14.81
C MET A 243 14.93 -21.48 13.66
N GLN A 244 16.22 -21.72 13.83
CA GLN A 244 17.03 -22.50 12.88
C GLN A 244 16.67 -23.97 12.81
N GLY A 245 15.76 -24.43 13.67
CA GLY A 245 15.35 -25.82 13.68
C GLY A 245 14.31 -26.12 12.64
N ALA A 246 13.77 -25.05 12.05
CA ALA A 246 12.71 -25.14 11.05
C ALA A 246 13.11 -25.94 9.79
N THR A 247 14.36 -25.83 9.37
CA THR A 247 14.79 -26.44 8.11
C THR A 247 15.44 -27.79 8.34
N GLN A 248 15.67 -28.15 9.60
CA GLN A 248 16.36 -29.41 9.93
C GLN A 248 15.36 -30.54 9.89
N PRO A 249 15.87 -31.77 9.69
CA PRO A 249 15.05 -32.99 9.65
C PRO A 249 13.97 -32.98 10.73
N GLY A 250 12.71 -33.18 10.34
CA GLY A 250 11.57 -33.02 11.25
C GLY A 250 10.97 -31.62 11.35
N GLY A 251 11.75 -30.58 11.03
CA GLY A 251 11.27 -29.19 11.02
C GLY A 251 10.23 -28.92 9.93
N THR A 252 9.26 -28.05 10.22
CA THR A 252 8.09 -27.84 9.33
C THR A 252 8.47 -27.28 7.95
N ALA A 253 9.67 -26.70 7.87
CA ALA A 253 10.16 -26.08 6.67
C ALA A 253 11.39 -26.83 6.15
N GLU A 254 11.47 -28.12 6.42
CA GLU A 254 12.56 -28.94 5.93
C GLU A 254 12.41 -29.03 4.41
N GLY A 255 13.54 -28.93 3.69
CA GLY A 255 13.55 -28.89 2.23
C GLY A 255 12.97 -27.60 1.64
N ILE A 256 11.67 -27.39 1.85
CA ILE A 256 10.96 -26.28 1.25
C ILE A 256 11.48 -24.91 1.71
N GLY A 257 12.06 -24.84 2.90
CA GLY A 257 12.51 -23.56 3.43
C GLY A 257 13.98 -23.26 3.18
N ALA A 258 14.68 -24.24 2.61
CA ALA A 258 16.11 -24.16 2.37
C ALA A 258 16.52 -23.12 1.33
N VAL A 259 17.44 -22.25 1.70
CA VAL A 259 18.11 -21.34 0.78
C VAL A 259 19.53 -21.87 0.66
N LYS A 260 19.79 -22.63 -0.39
CA LYS A 260 21.08 -23.28 -0.63
C LYS A 260 22.23 -22.34 -0.27
N GLY A 261 23.04 -22.76 0.70
CA GLY A 261 24.26 -22.06 1.08
C GLY A 261 24.13 -21.03 2.19
N TYR A 262 22.92 -20.91 2.73
CA TYR A 262 22.62 -19.89 3.73
C TYR A 262 21.76 -20.43 4.86
N ASN A 263 22.18 -20.12 6.09
CA ASN A 263 21.51 -20.62 7.26
C ASN A 263 20.22 -19.85 7.45
N VAL A 264 19.14 -20.60 7.58
CA VAL A 264 17.79 -20.07 7.64
C VAL A 264 17.18 -20.30 9.03
N ALA A 265 16.88 -19.21 9.73
CA ALA A 265 16.00 -19.21 10.89
C ALA A 265 14.59 -18.88 10.40
N ALA A 266 13.60 -19.70 10.75
CA ALA A 266 12.23 -19.47 10.28
C ALA A 266 11.18 -20.12 11.17
N LYS A 267 9.92 -19.73 10.94
CA LYS A 267 8.74 -20.31 11.59
C LYS A 267 7.58 -20.29 10.59
N THR A 268 6.93 -21.44 10.41
CA THR A 268 5.71 -21.51 9.62
C THR A 268 4.49 -21.25 10.50
N GLY A 269 3.36 -21.08 9.84
CA GLY A 269 2.07 -20.87 10.45
C GLY A 269 1.02 -21.20 9.41
N THR A 270 -0.07 -21.82 9.85
CA THR A 270 -1.15 -22.19 8.97
C THR A 270 -2.39 -22.08 9.85
N ALA A 271 -3.19 -21.05 9.63
CA ALA A 271 -4.24 -20.66 10.56
C ALA A 271 -5.58 -20.73 9.89
N GLU A 272 -6.65 -20.97 10.64
CA GLU A 272 -8.00 -20.81 10.09
C GLU A 272 -8.47 -19.36 10.22
N ASN A 273 -9.27 -18.92 9.25
CA ASN A 273 -9.86 -17.58 9.26
C ASN A 273 -11.33 -17.70 8.88
N VAL A 274 -12.13 -16.70 9.22
CA VAL A 274 -13.57 -16.74 8.99
C VAL A 274 -14.01 -16.55 7.52
N GLY A 275 -13.81 -15.34 7.00
CA GLY A 275 -14.40 -14.96 5.73
C GLY A 275 -15.86 -14.52 5.88
N SER A 279 -18.49 -18.89 7.58
CA SER A 279 -17.67 -18.84 8.79
C SER A 279 -16.54 -19.88 8.79
N LEU A 280 -15.42 -19.49 9.39
CA LEU A 280 -14.23 -20.33 9.58
C LEU A 280 -13.91 -21.30 8.46
N THR A 281 -14.02 -20.84 7.21
CA THR A 281 -13.80 -21.70 6.05
C THR A 281 -12.46 -21.48 5.36
N ASP A 282 -11.85 -20.32 5.64
CA ASP A 282 -10.60 -19.91 5.01
C ASP A 282 -9.38 -20.37 5.81
N THR A 283 -8.18 -20.20 5.23
CA THR A 283 -6.92 -20.32 5.95
C THR A 283 -5.89 -19.35 5.41
N ALA A 284 -4.99 -18.90 6.29
CA ALA A 284 -3.86 -18.06 5.94
C ALA A 284 -2.57 -18.85 6.16
N ALA A 285 -1.86 -19.19 5.08
CA ALA A 285 -0.55 -19.80 5.19
C ALA A 285 0.48 -18.70 5.39
N THR A 286 1.19 -18.71 6.53
CA THR A 286 2.18 -17.68 6.89
C THR A 286 3.61 -18.25 7.07
N PHE A 287 4.62 -17.40 6.87
CA PHE A 287 6.02 -17.75 7.00
C PHE A 287 6.75 -16.50 7.44
N THR A 288 7.60 -16.60 8.45
CA THR A 288 8.44 -15.46 8.86
C THR A 288 9.84 -16.00 9.06
N ALA A 289 10.83 -15.37 8.41
CA ALA A 289 12.19 -15.89 8.43
C ALA A 289 13.24 -14.81 8.59
N LEU A 290 14.40 -15.21 9.11
CA LEU A 290 15.57 -14.36 9.23
C LEU A 290 16.74 -15.03 8.50
N ILE A 291 17.58 -14.22 7.85
CA ILE A 291 18.63 -14.77 7.01
C ILE A 291 19.73 -13.72 6.82
N PRO A 292 21.01 -14.15 6.80
CA PRO A 292 21.46 -15.47 7.24
C PRO A 292 21.42 -15.58 8.78
N ALA A 293 21.01 -16.74 9.27
CA ALA A 293 20.73 -16.94 10.71
C ALA A 293 21.88 -16.64 11.66
N GLU A 294 23.11 -16.90 11.23
CA GLU A 294 24.25 -16.65 12.10
C GLU A 294 24.48 -15.17 12.31
N ASN A 295 23.91 -14.35 11.41
CA ASN A 295 24.10 -12.90 11.43
C ASN A 295 23.09 -12.24 10.46
N PRO A 296 21.81 -12.19 10.86
CA PRO A 296 20.68 -11.82 10.00
C PRO A 296 20.83 -10.48 9.31
N LYS A 297 20.52 -10.42 8.01
CA LYS A 297 20.59 -9.19 7.20
C LYS A 297 19.21 -8.77 6.69
N ILE A 298 18.32 -9.73 6.50
CA ILE A 298 16.94 -9.40 6.16
C ILE A 298 15.94 -10.14 7.06
N ALA A 299 14.79 -9.50 7.28
CA ALA A 299 13.63 -10.05 7.96
C ALA A 299 12.48 -10.15 6.98
N VAL A 300 11.98 -11.35 6.74
CA VAL A 300 10.99 -11.60 5.70
C VAL A 300 9.71 -12.15 6.33
N ALA A 301 8.57 -11.68 5.82
CA ALA A 301 7.25 -12.08 6.28
C ALA A 301 6.38 -12.32 5.05
N VAL A 302 5.79 -13.50 4.94
CA VAL A 302 4.94 -13.88 3.81
C VAL A 302 3.58 -14.42 4.29
N VAL A 303 2.53 -14.18 3.53
CA VAL A 303 1.23 -14.75 3.78
C VAL A 303 0.57 -14.98 2.43
N ILE A 304 -0.12 -16.10 2.31
CA ILE A 304 -0.98 -16.42 1.19
C ILE A 304 -2.30 -16.84 1.82
N TYR A 305 -3.39 -16.25 1.33
CA TYR A 305 -4.72 -16.49 1.86
C TYR A 305 -5.56 -17.26 0.83
N LYS A 306 -6.13 -18.38 1.26
CA LYS A 306 -7.04 -19.18 0.44
C LYS A 306 -8.43 -19.13 1.07
N GLU A 307 -9.48 -19.17 0.25
CA GLU A 307 -10.82 -18.87 0.75
C GLU A 307 -11.68 -20.03 1.20
N ASN A 308 -11.78 -21.10 0.43
CA ASN A 308 -12.49 -22.25 0.96
C ASN A 308 -11.60 -23.43 0.81
N GLY A 309 -10.55 -23.45 1.62
CA GLY A 309 -9.54 -24.49 1.51
C GLY A 309 -8.44 -24.24 2.51
N THR A 310 -7.64 -25.27 2.75
CA THR A 310 -6.52 -25.14 3.65
C THR A 310 -5.29 -24.93 2.83
N VAL A 311 -4.37 -24.14 3.36
CA VAL A 311 -3.12 -23.88 2.68
C VAL A 311 -2.01 -23.81 3.74
N TYR A 312 -0.90 -24.51 3.51
CA TYR A 312 0.15 -24.62 4.52
C TYR A 312 1.26 -23.61 4.36
N GLY A 313 1.51 -22.81 5.39
CA GLY A 313 2.69 -21.94 5.45
C GLY A 313 3.91 -22.51 4.73
N SER A 314 4.19 -23.78 4.95
CA SER A 314 5.35 -24.39 4.30
C SER A 314 5.17 -24.58 2.79
N THR A 315 4.15 -25.32 2.37
CA THR A 315 3.96 -25.61 0.96
C THR A 315 3.65 -24.35 0.17
N ALA A 316 2.99 -23.38 0.80
CA ALA A 316 2.55 -22.17 0.12
C ALA A 316 3.56 -21.03 0.13
N SER A 317 4.05 -20.64 1.31
CA SER A 317 4.71 -19.35 1.51
C SER A 317 6.23 -19.44 1.60
N ALA A 318 6.74 -20.61 1.95
CA ALA A 318 8.20 -20.80 2.08
C ALA A 318 8.87 -20.50 0.75
N PRO A 319 8.35 -21.09 -0.36
CA PRO A 319 8.92 -20.90 -1.70
C PRO A 319 9.14 -19.43 -2.07
N VAL A 320 8.13 -18.60 -1.80
CA VAL A 320 8.25 -17.15 -1.94
C VAL A 320 9.48 -16.61 -1.21
N PHE A 321 9.55 -16.80 0.11
CA PHE A 321 10.74 -16.39 0.90
C PHE A 321 12.04 -16.88 0.24
N VAL A 322 12.08 -18.17 -0.07
CA VAL A 322 13.23 -18.77 -0.74
C VAL A 322 13.71 -18.05 -2.00
N ASP A 323 12.80 -17.77 -2.94
CA ASP A 323 13.14 -17.01 -4.14
C ASP A 323 13.68 -15.61 -3.81
N ILE A 324 12.93 -14.89 -2.99
CA ILE A 324 13.36 -13.59 -2.48
C ILE A 324 14.74 -13.69 -1.81
N ALA A 325 14.87 -14.61 -0.86
CA ALA A 325 16.08 -14.75 -0.06
C ALA A 325 17.31 -15.03 -0.90
N GLN A 326 17.17 -15.85 -1.95
CA GLN A 326 18.31 -16.21 -2.78
C GLN A 326 18.85 -15.03 -3.55
N PHE A 327 17.92 -14.22 -4.06
CA PHE A 327 18.27 -12.99 -4.75
C PHE A 327 18.90 -11.99 -3.82
N ALA A 328 18.25 -11.74 -2.68
CA ALA A 328 18.73 -10.75 -1.70
C ALA A 328 20.17 -11.00 -1.27
N MET A 329 20.53 -12.26 -1.19
CA MET A 329 21.84 -12.61 -0.70
C MET A 329 22.86 -12.21 -1.73
N ARG A 330 22.53 -12.42 -3.02
CA ARG A 330 23.35 -11.93 -4.17
C ARG A 330 23.33 -10.39 -4.19
N GLU A 331 22.15 -9.86 -4.42
CA GLU A 331 21.95 -8.43 -4.45
C GLU A 331 22.76 -7.71 -3.38
N MET A 332 22.80 -8.26 -2.16
CA MET A 332 23.48 -7.62 -1.02
C MET A 332 24.91 -8.10 -0.82
N LYS A 333 25.37 -8.95 -1.74
CA LYS A 333 26.74 -9.44 -1.74
C LYS A 333 27.15 -9.98 -0.37
N ILE A 334 26.23 -10.74 0.22
CA ILE A 334 26.47 -11.50 1.44
C ILE A 334 27.03 -12.86 1.05
N PRO A 335 28.19 -13.24 1.60
CA PRO A 335 28.78 -14.55 1.30
C PRO A 335 28.01 -15.68 1.98
N PRO A 336 28.10 -16.91 1.44
CA PRO A 336 27.37 -18.03 2.04
C PRO A 336 27.81 -18.31 3.50
N SER A 337 27.01 -19.11 4.21
CA SER A 337 27.22 -19.36 5.63
C SER A 337 28.45 -20.20 5.88
N THR A 338 29.22 -19.75 6.84
CA THR A 338 30.56 -20.23 7.10
C THR A 338 30.55 -21.17 8.31
N VAL A 339 29.38 -21.25 8.94
CA VAL A 339 29.17 -21.85 10.27
C VAL A 339 27.91 -22.72 10.19
N PRO A 340 27.84 -23.84 10.95
CA PRO A 340 26.72 -24.78 10.80
C PRO A 340 25.39 -24.25 11.29
N LEU A 341 24.31 -24.82 10.74
CA LEU A 341 22.97 -24.50 11.21
C LEU A 341 22.90 -24.93 12.65
N TYR A 342 22.46 -24.02 13.51
CA TYR A 342 22.39 -24.31 14.94
C TYR A 342 21.41 -25.44 15.27
N LYS A 343 21.83 -26.32 16.17
CA LYS A 343 20.97 -27.38 16.67
C LYS A 343 21.01 -27.45 18.22
N TYR A 344 19.81 -27.40 18.82
CA TYR A 344 19.58 -27.86 20.19
C TYR A 344 19.18 -29.31 20.04
N PRO A 345 19.46 -30.15 21.07
CA PRO A 345 18.91 -31.50 21.03
C PRO A 345 17.39 -31.41 21.29
N TRP A 346 16.66 -32.37 20.75
CA TRP A 346 15.20 -32.38 20.84
C TRP A 346 14.70 -33.55 21.63
N GLN B 5 16.86 33.80 -24.78
CA GLN B 5 17.08 32.82 -25.89
C GLN B 5 16.16 31.61 -25.80
N ASP B 6 15.93 31.15 -24.57
CA ASP B 6 15.05 30.00 -24.34
C ASP B 6 13.60 30.48 -24.28
N PRO B 7 12.81 30.16 -25.31
CA PRO B 7 11.42 30.62 -25.45
C PRO B 7 10.40 29.80 -24.64
N LEU B 8 10.89 28.77 -23.95
CA LEU B 8 10.04 27.79 -23.28
C LEU B 8 9.69 28.18 -21.85
N THR B 9 8.48 27.80 -21.46
CA THR B 9 7.98 27.86 -20.09
C THR B 9 8.74 26.89 -19.16
N ILE B 10 9.19 25.75 -19.70
CA ILE B 10 9.87 24.68 -18.97
C ILE B 10 11.02 25.12 -18.04
N ASN B 11 11.01 24.62 -16.81
CA ASN B 11 12.15 24.76 -15.89
C ASN B 11 13.07 23.55 -16.05
N ALA B 12 14.29 23.80 -16.48
CA ALA B 12 15.25 22.74 -16.81
C ALA B 12 15.56 21.86 -15.61
N ASP B 13 15.69 22.51 -14.46
CA ASP B 13 15.97 21.85 -13.20
C ASP B 13 14.77 21.03 -12.73
N LEU B 14 13.61 21.67 -12.71
CA LEU B 14 12.38 20.96 -12.39
C LEU B 14 12.12 19.78 -13.34
N GLN B 15 12.49 19.93 -14.62
CA GLN B 15 12.32 18.89 -15.65
C GLN B 15 13.24 17.69 -15.36
N ARG B 16 14.47 17.99 -14.97
CA ARG B 16 15.49 17.00 -14.59
C ARG B 16 14.95 16.10 -13.47
N VAL B 17 14.43 16.76 -12.44
CA VAL B 17 13.84 16.16 -11.24
C VAL B 17 12.63 15.33 -11.61
N ALA B 18 11.64 15.97 -12.23
CA ALA B 18 10.46 15.24 -12.70
C ALA B 18 10.83 13.95 -13.44
N GLU B 19 11.87 14.04 -14.29
CA GLU B 19 12.34 12.94 -15.13
C GLU B 19 13.00 11.86 -14.30
N GLU B 20 13.76 12.28 -13.29
CA GLU B 20 14.44 11.35 -12.37
C GLU B 20 13.49 10.57 -11.48
N SER B 21 12.54 11.30 -10.88
CA SER B 21 11.50 10.72 -10.03
C SER B 21 10.73 9.71 -10.80
N LEU B 22 10.18 10.16 -11.92
CA LEU B 22 9.28 9.38 -12.71
C LEU B 22 9.96 8.09 -13.10
N ASN B 23 11.26 8.20 -13.40
CA ASN B 23 12.05 7.03 -13.77
C ASN B 23 12.19 6.03 -12.62
N ALA B 24 12.67 6.54 -11.48
CA ALA B 24 12.78 5.82 -10.21
C ALA B 24 11.44 5.18 -9.83
N ALA B 25 10.38 5.97 -9.85
CA ALA B 25 9.02 5.51 -9.61
C ALA B 25 8.57 4.35 -10.50
N VAL B 26 8.80 4.46 -11.82
CA VAL B 26 8.39 3.42 -12.75
C VAL B 26 9.20 2.19 -12.47
N LYS B 27 10.51 2.39 -12.34
CA LYS B 27 11.45 1.31 -12.03
C LYS B 27 11.07 0.56 -10.72
N ARG B 28 10.87 1.31 -9.65
CA ARG B 28 10.48 0.76 -8.35
C ARG B 28 9.16 0.02 -8.32
N VAL B 29 8.17 0.49 -9.07
CA VAL B 29 6.86 -0.19 -9.05
C VAL B 29 6.69 -1.26 -10.13
N GLY B 30 7.72 -1.47 -10.94
CA GLY B 30 7.67 -2.43 -12.03
C GLY B 30 6.74 -2.00 -13.15
N GLY B 31 6.63 -0.69 -13.35
CA GLY B 31 5.83 -0.14 -14.44
C GLY B 31 6.51 -0.30 -15.80
N VAL B 32 5.79 0.07 -16.87
CA VAL B 32 6.32 0.12 -18.23
C VAL B 32 6.70 1.53 -18.64
N TRP B 33 5.85 2.47 -18.25
CA TRP B 33 6.08 3.87 -18.54
C TRP B 33 5.30 4.70 -17.59
N GLY B 34 5.54 6.00 -17.61
CA GLY B 34 4.83 6.96 -16.79
C GLY B 34 4.93 8.34 -17.41
N SER B 35 4.15 9.27 -16.87
CA SER B 35 4.13 10.65 -17.32
C SER B 35 3.89 11.64 -16.17
N ALA B 36 4.19 12.91 -16.41
CA ALA B 36 4.14 13.95 -15.41
C ALA B 36 4.06 15.30 -16.11
N ALA B 37 3.02 16.06 -15.80
CA ALA B 37 2.83 17.42 -16.29
C ALA B 37 2.80 18.34 -15.08
N VAL B 38 3.43 19.50 -15.18
CA VAL B 38 3.46 20.47 -14.07
C VAL B 38 3.11 21.87 -14.58
N LEU B 39 1.85 22.28 -14.34
CA LEU B 39 1.35 23.58 -14.75
C LEU B 39 1.45 24.65 -13.69
N GLU B 40 2.02 25.79 -14.07
CA GLU B 40 1.97 26.99 -13.25
C GLU B 40 0.53 27.49 -13.19
N ILE B 41 0.06 27.75 -11.96
CA ILE B 41 -1.32 28.14 -11.71
C ILE B 41 -1.55 29.55 -12.23
N GLY B 42 -2.71 29.75 -12.85
CA GLY B 42 -3.12 31.08 -13.29
C GLY B 42 -2.34 31.63 -14.46
N THR B 43 -1.74 30.75 -15.27
CA THR B 43 -1.01 31.16 -16.45
C THR B 43 -1.07 30.09 -17.52
N GLY B 44 -1.17 28.84 -17.11
CA GLY B 44 -1.15 27.76 -18.06
C GLY B 44 0.24 27.40 -18.55
N ARG B 45 1.27 27.99 -17.94
CA ARG B 45 2.65 27.69 -18.32
C ARG B 45 3.10 26.32 -17.80
N LEU B 46 3.65 25.50 -18.69
CA LEU B 46 4.20 24.19 -18.31
C LEU B 46 5.63 24.30 -17.80
N LEU B 47 5.81 24.12 -16.49
CA LEU B 47 7.13 24.19 -15.86
C LEU B 47 7.95 22.89 -16.02
N ALA B 48 7.23 21.77 -16.11
CA ALA B 48 7.85 20.51 -16.51
C ALA B 48 6.83 19.63 -17.23
N LEU B 49 7.32 18.73 -18.07
CA LEU B 49 6.49 17.80 -18.81
C LEU B 49 7.35 16.59 -19.17
N ALA B 50 7.05 15.43 -18.59
CA ALA B 50 7.92 14.26 -18.74
C ALA B 50 7.13 12.99 -19.07
N PRO B 51 7.80 11.96 -19.63
CA PRO B 51 9.26 11.76 -19.77
C PRO B 51 10.00 12.65 -20.78
N GLY B 52 9.29 13.40 -21.62
CA GLY B 52 9.97 14.15 -22.68
C GLY B 52 9.87 13.41 -24.02
N GLY B 53 9.40 14.12 -25.03
CA GLY B 53 8.80 13.45 -26.17
C GLY B 53 7.30 13.62 -26.01
N THR B 54 6.55 12.89 -26.82
CA THR B 54 5.13 13.14 -26.94
C THR B 54 4.27 12.50 -25.86
N ARG B 55 4.82 11.52 -25.15
CA ARG B 55 4.12 10.67 -24.16
C ARG B 55 3.02 11.34 -23.32
N SER B 56 3.33 12.47 -22.69
CA SER B 56 2.42 13.19 -21.81
C SER B 56 1.26 13.82 -22.56
N VAL B 57 1.47 13.97 -23.86
CA VAL B 57 0.55 14.60 -24.79
C VAL B 57 -0.16 13.56 -25.69
N SER B 58 0.52 12.46 -26.00
CA SER B 58 -0.01 11.46 -26.92
C SER B 58 -0.52 10.14 -26.31
N ALA B 59 -0.09 9.81 -25.10
CA ALA B 59 -0.56 8.60 -24.44
C ALA B 59 -1.94 8.81 -23.83
N ILE B 60 -2.87 7.91 -24.14
CA ILE B 60 -4.17 7.95 -23.49
C ILE B 60 -4.47 6.70 -22.64
N TYR B 61 -5.22 6.91 -21.55
CA TYR B 61 -5.54 5.89 -20.56
C TYR B 61 -6.79 6.29 -19.76
N GLU B 62 -7.40 5.30 -19.10
CA GLU B 62 -8.40 5.56 -18.06
C GLU B 62 -7.72 6.08 -16.78
N PRO B 63 -8.05 7.32 -16.36
CA PRO B 63 -7.37 7.96 -15.24
C PRO B 63 -7.83 7.45 -13.85
N GLY B 64 -8.92 6.69 -13.83
CA GLY B 64 -9.57 6.26 -12.59
C GLY B 64 -10.01 7.42 -11.72
N SER B 65 -10.12 7.13 -10.43
CA SER B 65 -10.75 7.97 -9.40
C SER B 65 -10.30 9.41 -9.32
N VAL B 66 -9.32 9.77 -10.12
CA VAL B 66 -8.97 11.19 -10.32
C VAL B 66 -10.18 11.89 -10.95
N GLY B 67 -10.88 11.18 -11.82
CA GLY B 67 -12.10 11.66 -12.44
C GLY B 67 -13.29 11.85 -11.51
N LYS B 68 -13.12 11.55 -10.22
CA LYS B 68 -14.19 11.79 -9.25
C LYS B 68 -14.34 13.30 -9.02
N LEU B 69 -13.24 14.04 -9.13
CA LEU B 69 -13.28 15.49 -8.89
C LEU B 69 -14.26 16.22 -9.82
N VAL B 70 -14.38 15.72 -11.05
CA VAL B 70 -15.32 16.23 -12.03
C VAL B 70 -16.74 15.97 -11.52
N THR B 71 -17.05 14.67 -11.27
CA THR B 71 -18.34 14.23 -10.74
C THR B 71 -18.72 15.04 -9.49
N LEU B 72 -17.78 15.10 -8.56
CA LEU B 72 -17.91 15.89 -7.36
C LEU B 72 -18.30 17.32 -7.70
N ALA B 73 -17.51 17.96 -8.57
CA ALA B 73 -17.61 19.41 -8.83
C ALA B 73 -18.88 19.76 -9.58
N ALA B 74 -19.32 18.86 -10.43
CA ALA B 74 -20.64 18.95 -11.02
C ALA B 74 -21.67 19.10 -9.89
N ALA B 75 -21.91 18.00 -9.17
CA ALA B 75 -22.91 17.94 -8.11
C ALA B 75 -22.85 19.13 -7.15
N ILE B 76 -21.63 19.54 -6.81
CA ILE B 76 -21.40 20.72 -5.96
C ILE B 76 -21.87 22.00 -6.67
N ASP B 77 -21.62 22.09 -7.97
CA ASP B 77 -21.92 23.30 -8.72
C ASP B 77 -23.40 23.33 -9.07
N GLN B 78 -23.99 22.14 -9.13
CA GLN B 78 -25.41 21.98 -9.33
C GLN B 78 -26.19 22.06 -8.01
N LYS B 79 -25.48 22.40 -6.93
CA LYS B 79 -26.07 22.58 -5.61
C LYS B 79 -26.85 21.34 -5.11
N LYS B 80 -26.55 20.19 -5.70
CA LYS B 80 -27.24 18.95 -5.35
C LYS B 80 -26.67 18.29 -4.09
N VAL B 81 -25.54 18.81 -3.60
CA VAL B 81 -24.75 18.17 -2.54
C VAL B 81 -23.79 19.21 -1.94
N THR B 82 -23.55 19.15 -0.62
CA THR B 82 -22.46 19.94 0.04
C THR B 82 -21.39 18.98 0.62
N PRO B 83 -20.22 19.52 1.06
CA PRO B 83 -19.18 18.66 1.63
C PRO B 83 -19.69 17.77 2.78
N THR B 84 -20.76 18.23 3.43
CA THR B 84 -21.29 17.61 4.62
C THR B 84 -22.52 16.77 4.35
N SER B 85 -23.09 16.88 3.15
CA SER B 85 -24.13 15.93 2.76
C SER B 85 -23.55 14.56 3.10
N THR B 86 -24.42 13.60 3.45
CA THR B 86 -23.92 12.33 3.93
C THR B 86 -24.52 11.20 3.11
N PHE B 87 -23.79 10.08 2.98
CA PHE B 87 -24.28 8.89 2.24
C PHE B 87 -23.86 7.56 2.87
N THR B 88 -24.74 6.54 2.73
CA THR B 88 -24.41 5.18 3.19
C THR B 88 -23.31 4.58 2.31
N VAL B 89 -22.16 4.40 2.96
CA VAL B 89 -20.97 3.84 2.34
C VAL B 89 -20.95 2.37 2.73
N SER B 90 -20.35 1.52 1.91
CA SER B 90 -20.40 0.08 2.12
C SER B 90 -19.42 -0.67 1.21
N SER B 91 -19.35 -1.98 1.36
CA SER B 91 -18.42 -2.80 0.59
C SER B 91 -18.92 -2.99 -0.83
N THR B 92 -20.24 -3.12 -0.96
CA THR B 92 -20.89 -3.11 -2.26
C THR B 92 -22.20 -2.37 -2.13
N ARG B 93 -22.60 -1.72 -3.22
CA ARG B 93 -23.90 -1.12 -3.32
C ARG B 93 -24.51 -1.56 -4.65
N ASP B 94 -25.68 -2.18 -4.56
CA ASP B 94 -26.47 -2.54 -5.73
C ASP B 94 -27.34 -1.36 -6.08
N MET B 95 -27.25 -0.93 -7.33
CA MET B 95 -27.83 0.33 -7.75
C MET B 95 -29.24 0.17 -8.27
N PRO B 96 -29.98 1.29 -8.44
CA PRO B 96 -31.33 1.18 -9.02
C PRO B 96 -31.31 0.48 -10.38
N ASN B 97 -30.34 0.85 -11.22
CA ASN B 97 -30.20 0.24 -12.55
C ASN B 97 -29.64 -1.18 -12.56
N GLY B 98 -29.53 -1.76 -11.35
CA GLY B 98 -29.09 -3.15 -11.17
C GLY B 98 -27.59 -3.36 -11.12
N GLU B 99 -26.82 -2.28 -11.22
CA GLU B 99 -25.37 -2.38 -11.19
C GLU B 99 -24.86 -2.48 -9.76
N ARG B 100 -24.02 -3.47 -9.49
CA ARG B 100 -23.32 -3.55 -8.22
C ARG B 100 -22.01 -2.79 -8.24
N ILE B 101 -22.00 -1.64 -7.58
CA ILE B 101 -20.77 -0.91 -7.29
C ILE B 101 -20.13 -1.57 -6.06
N SER B 102 -18.81 -1.55 -5.97
CA SER B 102 -18.13 -2.09 -4.81
C SER B 102 -16.81 -1.37 -4.60
N ASP B 103 -16.43 -1.18 -3.34
CA ASP B 103 -15.20 -0.49 -3.00
C ASP B 103 -14.02 -1.45 -3.06
N ASP B 104 -12.80 -0.92 -2.87
CA ASP B 104 -11.55 -1.66 -3.13
C ASP B 104 -11.27 -2.77 -2.13
N SER B 105 -11.85 -2.65 -0.95
CA SER B 105 -11.71 -3.63 0.13
C SER B 105 -12.98 -3.56 0.94
N PRO B 106 -13.46 -4.73 1.44
CA PRO B 106 -14.61 -4.74 2.34
C PRO B 106 -14.34 -3.86 3.56
N HIS B 107 -15.37 -3.20 4.05
CA HIS B 107 -15.23 -2.27 5.17
C HIS B 107 -16.57 -2.02 5.77
N GLU B 108 -16.54 -1.48 6.99
CA GLU B 108 -17.75 -1.26 7.77
C GLU B 108 -18.73 -0.37 7.03
N THR B 109 -19.95 -0.86 6.88
CA THR B 109 -20.99 -0.06 6.25
C THR B 109 -21.40 1.01 7.25
N GLN B 110 -21.46 2.26 6.79
CA GLN B 110 -21.68 3.43 7.63
C GLN B 110 -22.03 4.66 6.80
N ASP B 111 -22.49 5.71 7.44
CA ASP B 111 -22.69 6.99 6.76
C ASP B 111 -21.42 7.82 6.82
N MET B 112 -21.12 8.49 5.72
CA MET B 112 -20.03 9.49 5.67
C MET B 112 -20.50 10.76 5.04
N THR B 113 -19.82 11.86 5.39
CA THR B 113 -19.96 13.12 4.67
C THR B 113 -19.29 13.01 3.30
N VAL B 114 -19.68 13.90 2.40
CA VAL B 114 -19.10 13.97 1.07
C VAL B 114 -17.57 14.09 1.12
N ALA B 115 -17.08 14.92 2.04
CA ALA B 115 -15.65 15.21 2.17
C ALA B 115 -14.80 13.99 2.52
N GLY B 116 -15.31 13.18 3.44
CA GLY B 116 -14.68 11.92 3.78
C GLY B 116 -14.81 10.88 2.68
N ILE B 117 -16.01 10.72 2.11
CA ILE B 117 -16.25 9.74 1.05
C ILE B 117 -15.17 9.83 -0.01
N ILE B 118 -14.79 11.08 -0.35
CA ILE B 118 -13.80 11.34 -1.39
C ILE B 118 -12.38 11.12 -0.89
N ALA B 119 -12.06 11.60 0.31
CA ALA B 119 -10.74 11.36 0.94
C ALA B 119 -10.39 9.86 1.09
N HIS B 120 -11.40 9.05 1.41
CA HIS B 120 -11.29 7.61 1.42
C HIS B 120 -11.41 7.02 0.05
N SER B 121 -12.03 7.78 -0.86
CA SER B 121 -12.25 7.39 -2.25
C SER B 121 -13.22 6.19 -2.37
N TYR B 122 -14.34 6.31 -1.63
CA TYR B 122 -15.36 5.27 -1.65
C TYR B 122 -16.29 5.42 -2.84
N ASN B 123 -16.17 4.47 -3.77
CA ASN B 123 -17.06 4.41 -4.91
C ASN B 123 -18.51 4.48 -4.48
N THR B 124 -18.92 3.53 -3.64
CA THR B 124 -20.31 3.40 -3.17
C THR B 124 -20.91 4.71 -2.64
N GLY B 125 -20.07 5.62 -2.18
CA GLY B 125 -20.52 6.96 -1.80
C GLY B 125 -20.60 7.90 -3.00
N THR B 126 -19.49 8.02 -3.70
CA THR B 126 -19.41 8.90 -4.88
C THR B 126 -20.50 8.57 -5.90
N VAL B 127 -20.70 7.28 -6.14
CA VAL B 127 -21.70 6.82 -7.07
C VAL B 127 -23.11 7.36 -6.73
N GLN B 128 -23.39 7.50 -5.44
CA GLN B 128 -24.64 8.12 -4.99
C GLN B 128 -24.62 9.63 -5.20
N ILE B 129 -23.43 10.22 -5.14
CA ILE B 129 -23.19 11.63 -5.48
C ILE B 129 -23.39 11.80 -6.98
N GLY B 130 -23.09 10.74 -7.72
CA GLY B 130 -23.28 10.71 -9.17
C GLY B 130 -24.71 11.00 -9.56
N ASP B 131 -25.62 10.13 -9.14
CA ASP B 131 -27.04 10.21 -9.50
C ASP B 131 -27.82 11.42 -8.97
N THR B 132 -27.14 12.37 -8.32
CA THR B 132 -27.80 13.62 -7.93
C THR B 132 -27.89 14.55 -9.13
N VAL B 133 -27.35 14.07 -10.26
CA VAL B 133 -27.11 14.86 -11.47
C VAL B 133 -27.38 14.02 -12.73
N SER B 134 -28.08 14.63 -13.71
CA SER B 134 -28.39 13.94 -14.95
C SER B 134 -27.10 13.73 -15.74
N ASP B 135 -26.99 12.58 -16.40
CA ASP B 135 -25.77 12.20 -17.10
C ASP B 135 -25.34 13.21 -18.15
N SER B 136 -26.33 13.87 -18.76
CA SER B 136 -26.09 14.94 -19.73
C SER B 136 -25.42 16.15 -19.09
N VAL B 137 -25.86 16.49 -17.89
CA VAL B 137 -25.22 17.58 -17.12
C VAL B 137 -23.79 17.20 -16.73
N ARG B 138 -23.59 15.93 -16.39
CA ARG B 138 -22.24 15.45 -16.08
C ARG B 138 -21.37 15.58 -17.30
N TYR B 139 -21.85 15.03 -18.41
CA TYR B 139 -21.13 15.04 -19.68
C TYR B 139 -20.70 16.46 -20.04
N GLU B 140 -21.58 17.42 -19.84
CA GLU B 140 -21.30 18.81 -20.09
C GLU B 140 -20.04 19.21 -19.35
N TYR B 141 -19.99 18.86 -18.08
CA TYR B 141 -18.89 19.23 -17.20
C TYR B 141 -17.58 18.57 -17.62
N MET B 142 -17.66 17.36 -18.15
CA MET B 142 -16.47 16.62 -18.60
C MET B 142 -15.78 17.31 -19.78
N GLN B 143 -16.60 17.90 -20.67
CA GLN B 143 -16.12 18.64 -21.82
C GLN B 143 -15.53 19.95 -21.36
N LYS B 144 -16.28 20.65 -20.51
CA LYS B 144 -15.85 21.89 -19.89
C LYS B 144 -14.49 21.78 -19.24
N PHE B 145 -14.20 20.62 -18.66
CA PHE B 145 -12.93 20.34 -17.99
C PHE B 145 -11.88 19.95 -19.01
N GLY B 146 -12.34 19.65 -20.22
CA GLY B 146 -11.47 19.50 -21.38
C GLY B 146 -11.28 18.10 -21.86
N TRP B 147 -12.18 17.19 -21.46
CA TRP B 147 -12.00 15.79 -21.78
C TRP B 147 -12.46 15.53 -23.16
N GLY B 148 -11.81 14.58 -23.84
CA GLY B 148 -12.15 14.23 -25.23
C GLY B 148 -11.87 15.38 -26.18
N ALA B 149 -10.89 16.22 -25.88
CA ALA B 149 -10.57 17.40 -26.67
C ALA B 149 -9.13 17.80 -26.40
N LYS B 150 -8.35 17.93 -27.47
CA LYS B 150 -7.00 18.44 -27.41
C LYS B 150 -6.95 19.75 -26.63
N THR B 151 -5.82 20.02 -25.98
CA THR B 151 -5.67 21.20 -25.14
C THR B 151 -5.18 22.38 -25.96
N GLY B 152 -4.45 22.05 -27.03
CA GLY B 152 -3.91 23.03 -27.96
C GLY B 152 -2.53 23.54 -27.63
N ILE B 153 -1.82 22.81 -26.78
CA ILE B 153 -0.42 23.10 -26.50
C ILE B 153 0.30 22.95 -27.83
N THR B 154 1.23 23.85 -28.14
CA THR B 154 1.93 23.76 -29.43
C THR B 154 3.05 22.71 -29.33
N LEU B 155 2.60 21.46 -29.35
CA LEU B 155 3.45 20.26 -29.41
C LEU B 155 2.88 19.27 -30.43
N PRO B 156 3.74 18.49 -31.07
CA PRO B 156 3.24 17.52 -32.04
C PRO B 156 2.58 16.30 -31.40
N SER B 157 1.57 15.76 -32.09
CA SER B 157 1.02 14.44 -31.78
C SER B 157 0.05 14.42 -30.59
N GLU B 158 -0.52 15.56 -30.25
CA GLU B 158 -1.50 15.59 -29.18
C GLU B 158 -2.75 14.79 -29.55
N GLU B 159 -3.18 13.93 -28.61
CA GLU B 159 -4.46 13.24 -28.66
C GLU B 159 -5.53 14.01 -27.91
N SER B 160 -6.77 13.82 -28.35
CA SER B 160 -7.91 14.45 -27.70
C SER B 160 -8.49 13.53 -26.62
N GLY B 161 -8.02 12.29 -26.60
CA GLY B 161 -8.58 11.29 -25.68
C GLY B 161 -9.94 10.82 -26.14
N ILE B 162 -10.71 10.25 -25.23
CA ILE B 162 -11.99 9.64 -25.52
C ILE B 162 -13.01 10.06 -24.49
N LEU B 163 -14.20 10.46 -24.96
CA LEU B 163 -15.31 10.87 -24.11
C LEU B 163 -16.60 10.64 -24.87
N ARG B 164 -16.94 9.36 -25.03
CA ARG B 164 -18.18 8.96 -25.68
C ARG B 164 -19.35 9.78 -25.16
N PRO B 165 -20.21 10.29 -26.06
CA PRO B 165 -21.39 11.05 -25.64
C PRO B 165 -22.24 10.27 -24.65
N HIS B 166 -22.92 10.99 -23.77
CA HIS B 166 -23.62 10.39 -22.65
C HIS B 166 -24.69 9.43 -23.07
N THR B 167 -25.12 9.54 -24.32
CA THR B 167 -26.16 8.69 -24.89
C THR B 167 -25.61 7.40 -25.48
N GLU B 168 -24.30 7.21 -25.36
CA GLU B 168 -23.66 5.96 -25.74
C GLU B 168 -23.38 5.08 -24.52
N TRP B 169 -23.68 5.63 -23.34
CA TRP B 169 -23.33 5.00 -22.08
C TRP B 169 -24.25 3.87 -21.72
N GLY B 170 -23.67 2.68 -21.60
CA GLY B 170 -24.36 1.51 -21.05
C GLY B 170 -24.69 1.73 -19.59
N ASP B 171 -25.36 0.75 -18.98
CA ASP B 171 -25.74 0.87 -17.57
C ASP B 171 -24.49 0.90 -16.69
N ARG B 172 -23.53 0.05 -17.04
CA ARG B 172 -22.22 -0.02 -16.37
C ARG B 172 -21.57 1.35 -16.47
N ASP B 173 -21.37 1.79 -17.71
CA ASP B 173 -20.79 3.08 -18.03
C ASP B 173 -21.35 4.22 -17.23
N HIS B 174 -22.64 4.14 -16.92
CA HIS B 174 -23.29 5.23 -16.22
C HIS B 174 -22.57 5.57 -14.95
N TYR B 175 -22.22 4.53 -14.19
CA TYR B 175 -21.54 4.72 -12.92
C TYR B 175 -20.03 4.82 -13.09
N THR B 176 -19.47 3.93 -13.92
CA THR B 176 -18.01 3.83 -14.08
C THR B 176 -17.36 5.15 -14.46
N THR B 177 -18.11 6.00 -15.15
CA THR B 177 -17.63 7.28 -15.63
C THR B 177 -17.45 8.28 -14.51
N MET B 178 -18.13 8.02 -13.39
CA MET B 178 -18.09 8.92 -12.22
C MET B 178 -16.73 8.84 -11.54
N PHE B 179 -16.03 7.73 -11.76
CA PHE B 179 -14.67 7.54 -11.27
C PHE B 179 -13.70 7.16 -12.39
N GLY B 180 -13.81 7.91 -13.49
CA GLY B 180 -12.77 7.97 -14.52
C GLY B 180 -12.52 6.69 -15.28
N GLN B 181 -13.55 5.89 -15.48
CA GLN B 181 -13.41 4.69 -16.29
C GLN B 181 -14.42 4.61 -17.46
N GLY B 182 -14.05 3.88 -18.51
CA GLY B 182 -14.78 3.95 -19.78
C GLY B 182 -14.58 5.34 -20.39
N VAL B 183 -13.42 5.92 -20.07
CA VAL B 183 -13.07 7.30 -20.41
C VAL B 183 -11.55 7.35 -20.48
N ALA B 184 -11.01 7.89 -21.56
CA ALA B 184 -9.56 8.07 -21.64
C ALA B 184 -9.17 9.55 -21.70
N VAL B 185 -7.89 9.82 -21.42
CA VAL B 185 -7.46 11.15 -21.06
C VAL B 185 -5.95 11.16 -21.22
N THR B 186 -5.36 12.32 -21.53
CA THR B 186 -3.91 12.43 -21.53
C THR B 186 -3.48 13.01 -20.19
N THR B 187 -2.19 12.94 -19.92
CA THR B 187 -1.63 13.50 -18.72
C THR B 187 -1.83 14.99 -18.72
N ILE B 188 -1.62 15.64 -19.88
CA ILE B 188 -1.80 17.09 -20.01
C ILE B 188 -3.24 17.49 -19.69
N GLN B 189 -4.18 16.64 -20.11
CA GLN B 189 -5.58 16.88 -19.85
C GLN B 189 -5.84 16.95 -18.33
N LEU B 190 -5.34 15.93 -17.60
CA LEU B 190 -5.46 15.84 -16.12
C LEU B 190 -4.92 17.04 -15.35
N ALA B 191 -3.64 17.36 -15.58
CA ALA B 191 -3.01 18.56 -15.01
C ALA B 191 -3.83 19.80 -15.27
N GLN B 192 -4.44 19.86 -16.46
CA GLN B 192 -5.25 21.01 -16.87
C GLN B 192 -6.51 21.07 -16.05
N MET B 193 -7.16 19.91 -15.93
CA MET B 193 -8.41 19.78 -15.19
C MET B 193 -8.32 20.12 -13.68
N VAL B 194 -7.20 19.78 -13.03
CA VAL B 194 -7.03 20.14 -11.61
C VAL B 194 -6.76 21.61 -11.37
N ALA B 195 -6.00 22.24 -12.27
CA ALA B 195 -5.64 23.64 -12.08
C ALA B 195 -6.90 24.47 -11.93
N VAL B 196 -8.01 23.97 -12.49
CA VAL B 196 -9.31 24.61 -12.40
C VAL B 196 -9.59 25.04 -10.96
N PHE B 197 -9.53 24.05 -10.07
CA PHE B 197 -9.83 24.21 -8.64
C PHE B 197 -8.90 25.21 -7.95
N GLY B 198 -7.68 25.38 -8.46
CA GLY B 198 -6.78 26.41 -7.96
C GLY B 198 -6.93 27.73 -8.69
N GLN B 199 -7.86 27.76 -9.64
CA GLN B 199 -8.01 28.90 -10.54
C GLN B 199 -9.41 29.48 -10.54
N LYS B 200 -10.03 29.52 -9.38
CA LYS B 200 -11.38 30.04 -9.21
C LYS B 200 -12.37 29.50 -10.24
N GLY B 201 -12.17 28.25 -10.62
CA GLY B 201 -13.11 27.56 -11.49
C GLY B 201 -12.83 27.82 -12.95
N VAL B 202 -11.65 28.37 -13.21
CA VAL B 202 -11.28 28.77 -14.56
C VAL B 202 -10.23 27.84 -15.14
N LEU B 203 -10.59 27.25 -16.28
CA LEU B 203 -9.68 26.48 -17.12
C LEU B 203 -8.82 27.40 -17.98
N ILE B 204 -7.50 27.33 -17.77
CA ILE B 204 -6.55 28.06 -18.60
C ILE B 204 -5.85 27.09 -19.55
N PRO B 205 -5.89 27.37 -20.87
CA PRO B 205 -5.12 26.60 -21.86
C PRO B 205 -3.59 26.59 -21.61
N PRO B 206 -2.99 25.39 -21.49
CA PRO B 206 -1.54 25.27 -21.28
C PRO B 206 -0.67 25.82 -22.43
N ARG B 207 0.54 26.26 -22.11
CA ARG B 207 1.50 26.83 -23.08
C ARG B 207 2.88 26.35 -22.71
N ILE B 208 3.62 25.84 -23.69
CA ILE B 208 5.03 25.48 -23.49
C ILE B 208 5.94 26.54 -24.11
N ILE B 209 5.33 27.46 -24.83
CA ILE B 209 6.05 28.53 -25.52
C ILE B 209 5.66 29.86 -24.93
N ASP B 210 6.65 30.62 -24.46
CA ASP B 210 6.39 31.89 -23.82
C ASP B 210 6.23 32.96 -24.89
N GLY B 211 7.28 33.13 -25.68
CA GLY B 211 7.29 34.08 -26.79
C GLY B 211 8.62 33.99 -27.51
N TYR B 212 8.85 34.91 -28.46
CA TYR B 212 10.07 34.88 -29.26
C TYR B 212 10.68 36.27 -29.46
N ASP B 213 12.01 36.31 -29.64
CA ASP B 213 12.74 37.56 -29.90
C ASP B 213 12.59 38.09 -31.32
N ASP B 214 12.70 39.41 -31.45
CA ASP B 214 12.62 40.11 -32.75
C ASP B 214 14.02 40.52 -33.15
N ASN B 216 17.09 41.42 -33.13
CA ASN B 216 17.41 42.57 -32.27
C ASN B 216 17.39 42.17 -30.80
N GLY B 217 16.44 41.30 -30.44
CA GLY B 217 16.30 40.86 -29.08
C GLY B 217 15.05 41.42 -28.42
N VAL B 218 13.98 41.54 -29.19
CA VAL B 218 12.71 41.96 -28.64
C VAL B 218 11.75 40.76 -28.52
N TYR B 219 11.56 40.29 -27.29
CA TYR B 219 10.60 39.24 -26.98
C TYR B 219 9.17 39.70 -27.30
N THR B 220 8.37 38.81 -27.89
CA THR B 220 6.95 39.05 -28.08
C THR B 220 6.15 37.82 -27.61
N PRO B 221 5.25 38.03 -26.62
CA PRO B 221 4.51 36.93 -26.01
C PRO B 221 3.60 36.19 -26.99
N THR B 222 3.24 34.95 -26.67
CA THR B 222 2.30 34.19 -27.49
C THR B 222 0.86 34.49 -27.08
N VAL B 223 -0.03 34.47 -28.07
CA VAL B 223 -1.44 34.83 -27.90
C VAL B 223 -2.11 33.81 -26.99
N MET B 224 -2.73 34.31 -25.92
CA MET B 224 -3.26 33.45 -24.86
C MET B 224 -3.99 32.21 -25.37
N GLY B 225 -5.12 32.41 -26.02
CA GLY B 225 -6.11 31.33 -26.15
C GLY B 225 -7.02 31.50 -24.94
N GLU B 226 -8.32 31.62 -25.20
CA GLU B 226 -9.26 32.07 -24.18
C GLU B 226 -9.62 31.06 -23.09
N SER B 227 -9.34 31.48 -21.86
CA SER B 227 -9.71 30.74 -20.67
C SER B 227 -11.22 30.69 -20.55
N ARG B 228 -11.74 29.61 -19.99
CA ARG B 228 -13.19 29.50 -19.74
C ARG B 228 -13.59 29.17 -18.27
N GLN B 229 -14.83 29.49 -17.92
CA GLN B 229 -15.37 29.21 -16.59
C GLN B 229 -16.05 27.84 -16.58
N VAL B 230 -15.45 26.88 -15.88
CA VAL B 230 -15.96 25.50 -15.83
C VAL B 230 -17.00 25.34 -14.70
N VAL B 231 -16.78 26.10 -13.63
CA VAL B 231 -17.40 25.86 -12.34
C VAL B 231 -17.24 27.17 -11.56
N SER B 232 -18.13 27.45 -10.61
CA SER B 232 -18.09 28.72 -9.90
C SER B 232 -16.93 28.79 -8.91
N GLU B 233 -16.34 29.98 -8.77
CA GLU B 233 -15.24 30.19 -7.81
C GLU B 233 -15.49 29.47 -6.49
N ASP B 234 -16.73 29.57 -6.03
CA ASP B 234 -17.19 28.90 -4.83
C ASP B 234 -17.05 27.40 -4.93
N THR B 235 -17.71 26.79 -5.91
CA THR B 235 -17.63 25.34 -6.02
C THR B 235 -16.21 24.86 -6.30
N ALA B 236 -15.38 25.75 -6.84
CA ALA B 236 -13.97 25.47 -7.01
C ALA B 236 -13.32 25.38 -5.63
N GLN B 237 -13.66 26.31 -4.76
CA GLN B 237 -13.04 26.41 -3.44
C GLN B 237 -13.38 25.24 -2.56
N THR B 238 -14.64 24.86 -2.52
CA THR B 238 -15.07 23.78 -1.65
C THR B 238 -14.39 22.49 -2.05
N VAL B 239 -14.23 22.28 -3.36
CA VAL B 239 -13.49 21.11 -3.86
C VAL B 239 -12.02 21.19 -3.47
N LEU B 240 -11.43 22.38 -3.56
CA LEU B 240 -10.04 22.56 -3.20
C LEU B 240 -9.84 22.21 -1.72
N ASN B 241 -10.85 22.53 -0.91
CA ASN B 241 -10.85 22.22 0.52
C ASN B 241 -10.98 20.72 0.78
N ILE B 242 -11.98 20.12 0.14
CA ILE B 242 -12.17 18.69 0.17
C ILE B 242 -10.87 17.99 -0.23
N MET B 243 -10.23 18.49 -1.28
CA MET B 243 -9.03 17.84 -1.79
C MET B 243 -7.95 17.72 -0.72
N GLN B 244 -8.05 18.54 0.32
CA GLN B 244 -7.07 18.56 1.37
C GLN B 244 -7.25 17.40 2.35
N GLY B 245 -8.32 16.63 2.16
CA GLY B 245 -8.61 15.46 2.99
C GLY B 245 -7.75 14.22 2.71
N ALA B 246 -7.08 14.19 1.55
CA ALA B 246 -6.38 12.99 1.10
C ALA B 246 -5.12 12.66 1.92
N THR B 247 -4.54 13.68 2.54
CA THR B 247 -3.30 13.49 3.28
C THR B 247 -3.63 13.41 4.75
N GLN B 248 -4.90 13.62 5.05
CA GLN B 248 -5.43 13.49 6.40
C GLN B 248 -5.61 12.03 6.77
N PRO B 249 -5.48 11.71 8.08
CA PRO B 249 -5.64 10.37 8.59
C PRO B 249 -6.76 9.61 7.90
N GLY B 250 -6.40 8.55 7.19
CA GLY B 250 -7.36 7.67 6.56
C GLY B 250 -7.62 8.05 5.13
N GLY B 251 -7.01 9.16 4.70
CA GLY B 251 -7.00 9.58 3.31
C GLY B 251 -6.10 8.72 2.46
N THR B 252 -6.55 8.42 1.26
CA THR B 252 -5.84 7.51 0.34
C THR B 252 -4.42 7.95 -0.03
N ALA B 253 -4.01 9.14 0.43
CA ALA B 253 -2.70 9.69 0.12
C ALA B 253 -1.92 10.04 1.38
N GLU B 254 -2.54 9.78 2.53
CA GLU B 254 -1.91 10.04 3.82
C GLU B 254 -0.49 9.46 3.90
N GLY B 255 0.45 10.29 4.36
CA GLY B 255 1.83 9.90 4.50
C GLY B 255 2.66 9.99 3.24
N ILE B 256 2.36 9.12 2.27
CA ILE B 256 3.09 9.03 0.99
C ILE B 256 3.00 10.28 0.11
N GLY B 257 1.86 10.95 0.13
CA GLY B 257 1.66 12.13 -0.70
C GLY B 257 1.90 13.45 0.02
N ALA B 258 2.65 13.40 1.11
CA ALA B 258 2.78 14.56 1.97
C ALA B 258 4.03 15.33 1.62
N VAL B 259 3.92 16.65 1.57
CA VAL B 259 5.10 17.48 1.36
C VAL B 259 5.42 18.22 2.66
N LYS B 260 6.59 17.92 3.20
CA LYS B 260 7.02 18.46 4.48
C LYS B 260 7.02 19.96 4.42
N GLY B 261 6.14 20.59 5.18
CA GLY B 261 6.11 22.06 5.27
C GLY B 261 4.92 22.74 4.59
N TYR B 262 4.17 21.98 3.78
CA TYR B 262 3.16 22.58 2.89
C TYR B 262 1.92 21.72 2.82
N ASN B 263 0.78 22.36 2.99
CA ASN B 263 -0.51 21.72 2.81
C ASN B 263 -0.68 21.20 1.39
N VAL B 264 -1.24 20.01 1.24
CA VAL B 264 -1.43 19.40 -0.06
C VAL B 264 -2.89 19.10 -0.31
N ALA B 265 -3.40 19.60 -1.44
CA ALA B 265 -4.66 19.13 -2.04
C ALA B 265 -4.30 18.04 -3.07
N ALA B 266 -4.93 16.87 -2.99
CA ALA B 266 -4.54 15.73 -3.83
C ALA B 266 -5.72 14.83 -4.07
N LYS B 267 -5.71 14.14 -5.20
CA LYS B 267 -6.65 13.06 -5.45
C LYS B 267 -5.91 11.97 -6.19
N THR B 268 -6.22 10.73 -5.84
CA THR B 268 -5.52 9.57 -6.37
C THR B 268 -6.48 8.79 -7.22
N GLY B 269 -5.94 7.97 -8.11
CA GLY B 269 -6.75 7.10 -8.95
C GLY B 269 -6.02 5.80 -9.22
N THR B 270 -6.80 4.76 -9.48
CA THR B 270 -6.27 3.44 -9.82
C THR B 270 -7.32 2.77 -10.66
N ALA B 271 -6.96 2.40 -11.89
CA ALA B 271 -7.96 1.91 -12.85
C ALA B 271 -7.44 0.83 -13.78
N GLU B 272 -8.31 -0.17 -14.04
CA GLU B 272 -8.07 -1.18 -15.07
C GLU B 272 -7.92 -0.52 -16.44
N ASN B 273 -7.00 -1.06 -17.24
CA ASN B 273 -6.80 -0.63 -18.62
C ASN B 273 -6.56 -1.88 -19.43
N VAL B 274 -6.96 -1.87 -20.71
CA VAL B 274 -6.99 -3.10 -21.53
C VAL B 274 -5.61 -3.58 -21.99
N GLY B 275 -4.81 -2.66 -22.53
CA GLY B 275 -3.49 -2.99 -23.03
C GLY B 275 -3.49 -3.85 -24.28
N SER B 276 -2.31 -3.98 -24.89
CA SER B 276 -2.15 -4.64 -26.19
C SER B 276 -2.15 -6.18 -26.12
N SER B 277 -2.92 -6.73 -25.17
CA SER B 277 -3.06 -8.18 -25.01
C SER B 277 -4.35 -8.56 -24.29
N GLY B 278 -5.08 -9.53 -24.87
CA GLY B 278 -6.31 -10.06 -24.29
C GLY B 278 -7.25 -8.98 -23.76
N SER B 279 -7.48 -9.03 -22.43
CA SER B 279 -8.42 -8.13 -21.76
C SER B 279 -7.72 -7.07 -20.87
N LEU B 280 -8.39 -6.63 -19.80
CA LEU B 280 -7.94 -5.53 -18.96
C LEU B 280 -6.97 -5.93 -17.84
N THR B 281 -5.80 -6.44 -18.20
CA THR B 281 -4.81 -6.98 -17.23
C THR B 281 -3.83 -5.95 -16.63
N ASP B 282 -3.86 -4.72 -17.15
CA ASP B 282 -2.94 -3.64 -16.76
C ASP B 282 -3.65 -2.60 -15.94
N THR B 283 -2.89 -1.71 -15.31
CA THR B 283 -3.50 -0.59 -14.55
C THR B 283 -2.82 0.78 -14.73
N ALA B 284 -3.61 1.82 -14.54
CA ALA B 284 -3.10 3.17 -14.46
C ALA B 284 -3.14 3.67 -13.01
N ALA B 285 -1.96 4.07 -12.53
CA ALA B 285 -1.77 4.58 -11.20
C ALA B 285 -1.57 6.08 -11.33
N THR B 286 -2.57 6.87 -10.95
CA THR B 286 -2.59 8.31 -11.20
C THR B 286 -2.70 9.15 -9.92
N PHE B 287 -2.12 10.35 -9.93
CA PHE B 287 -2.14 11.25 -8.80
C PHE B 287 -2.21 12.72 -9.24
N THR B 288 -3.29 13.42 -8.90
CA THR B 288 -3.40 14.86 -9.23
C THR B 288 -3.45 15.75 -8.00
N ALA B 289 -2.61 16.78 -7.98
CA ALA B 289 -2.41 17.57 -6.78
C ALA B 289 -2.20 19.06 -7.05
N LEU B 290 -2.49 19.89 -6.05
CA LEU B 290 -2.24 21.32 -6.04
C LEU B 290 -1.52 21.65 -4.73
N ILE B 291 -0.64 22.65 -4.75
CA ILE B 291 0.18 22.99 -3.58
C ILE B 291 0.75 24.40 -3.69
N PRO B 292 0.82 25.17 -2.58
CA PRO B 292 0.23 24.92 -1.26
C PRO B 292 -1.26 25.02 -1.42
N ALA B 293 -2.02 24.13 -0.79
CA ALA B 293 -3.45 24.01 -1.09
C ALA B 293 -4.25 25.27 -0.75
N GLU B 294 -3.75 26.03 0.22
CA GLU B 294 -4.38 27.26 0.67
C GLU B 294 -4.30 28.36 -0.41
N ASN B 295 -3.32 28.22 -1.31
CA ASN B 295 -3.08 29.21 -2.35
C ASN B 295 -2.21 28.62 -3.48
N PRO B 296 -2.77 27.66 -4.26
CA PRO B 296 -1.94 26.78 -5.09
C PRO B 296 -1.04 27.52 -6.06
N LYS B 297 0.21 27.10 -6.15
CA LYS B 297 1.15 27.69 -7.10
C LYS B 297 1.39 26.77 -8.28
N ILE B 298 1.36 25.46 -8.04
CA ILE B 298 1.48 24.50 -9.13
C ILE B 298 0.34 23.51 -9.10
N ALA B 299 0.13 22.86 -10.24
CA ALA B 299 -0.76 21.72 -10.38
C ALA B 299 0.10 20.63 -10.99
N VAL B 300 -0.04 19.42 -10.48
CA VAL B 300 0.77 18.30 -10.90
C VAL B 300 -0.15 17.16 -11.25
N ALA B 301 0.10 16.50 -12.38
CA ALA B 301 -0.58 15.28 -12.75
C ALA B 301 0.48 14.25 -13.05
N VAL B 302 0.30 13.03 -12.56
CA VAL B 302 1.27 11.96 -12.74
C VAL B 302 0.51 10.68 -13.02
N VAL B 303 1.06 9.84 -13.89
CA VAL B 303 0.51 8.53 -14.18
C VAL B 303 1.69 7.58 -14.24
N ILE B 304 1.53 6.39 -13.67
CA ILE B 304 2.41 5.28 -13.95
C ILE B 304 1.59 4.12 -14.50
N TYR B 305 2.06 3.50 -15.60
CA TYR B 305 1.33 2.42 -16.24
C TYR B 305 1.95 1.07 -15.92
N LYS B 306 1.15 0.19 -15.32
CA LYS B 306 1.66 -1.13 -14.98
C LYS B 306 0.90 -2.15 -15.79
N GLU B 307 1.63 -2.97 -16.53
CA GLU B 307 1.08 -4.09 -17.28
C GLU B 307 1.01 -5.36 -16.43
N ASN B 308 0.03 -6.21 -16.72
CA ASN B 308 -0.13 -7.51 -16.05
C ASN B 308 0.36 -7.48 -14.60
N GLY B 309 -0.39 -6.75 -13.77
CA GLY B 309 -0.04 -6.46 -12.37
C GLY B 309 -0.85 -5.25 -11.94
N THR B 310 -0.85 -4.93 -10.65
CA THR B 310 -1.58 -3.74 -10.19
C THR B 310 -0.81 -2.98 -9.12
N VAL B 311 -1.11 -1.70 -9.01
CA VAL B 311 -0.35 -0.78 -8.18
C VAL B 311 -1.19 0.50 -8.02
N TYR B 312 -1.11 1.13 -6.85
CA TYR B 312 -2.01 2.24 -6.52
C TYR B 312 -1.43 3.61 -6.88
N GLY B 313 -2.32 4.56 -7.18
CA GLY B 313 -1.95 5.93 -7.46
C GLY B 313 -1.04 6.49 -6.40
N SER B 314 -1.34 6.16 -5.15
CA SER B 314 -0.54 6.58 -3.99
C SER B 314 0.83 5.91 -3.98
N THR B 315 0.86 4.58 -4.05
CA THR B 315 2.14 3.91 -3.89
C THR B 315 3.04 4.10 -5.07
N ALA B 316 2.46 4.24 -6.26
CA ALA B 316 3.22 4.48 -7.48
C ALA B 316 3.53 5.97 -7.67
N SER B 317 2.47 6.75 -7.89
CA SER B 317 2.58 8.11 -8.43
C SER B 317 2.73 9.21 -7.39
N ALA B 318 2.19 9.01 -6.19
CA ALA B 318 2.29 10.07 -5.17
C ALA B 318 3.74 10.50 -4.81
N PRO B 319 4.68 9.54 -4.72
CA PRO B 319 6.08 9.92 -4.50
C PRO B 319 6.68 10.84 -5.57
N VAL B 320 6.22 10.70 -6.83
CA VAL B 320 6.70 11.53 -7.95
C VAL B 320 6.29 12.98 -7.71
N PHE B 321 5.05 13.17 -7.34
CA PHE B 321 4.57 14.48 -6.93
C PHE B 321 5.42 15.08 -5.80
N VAL B 322 5.70 14.27 -4.78
CA VAL B 322 6.44 14.76 -3.61
C VAL B 322 7.83 15.22 -4.04
N ASP B 323 8.52 14.41 -4.83
CA ASP B 323 9.86 14.75 -5.31
C ASP B 323 9.81 16.10 -6.08
N ILE B 324 8.78 16.25 -6.90
CA ILE B 324 8.57 17.45 -7.71
C ILE B 324 8.24 18.63 -6.80
N ALA B 325 7.08 18.55 -6.14
CA ALA B 325 6.56 19.62 -5.32
C ALA B 325 7.56 20.14 -4.32
N GLN B 326 8.39 19.26 -3.78
CA GLN B 326 9.41 19.65 -2.82
C GLN B 326 10.35 20.64 -3.44
N PHE B 327 11.06 20.16 -4.45
CA PHE B 327 11.93 20.99 -5.28
C PHE B 327 11.23 22.28 -5.68
N ALA B 328 10.06 22.13 -6.32
CA ALA B 328 9.30 23.26 -6.82
C ALA B 328 9.11 24.37 -5.80
N MET B 329 8.85 24.03 -4.55
CA MET B 329 8.55 25.04 -3.55
C MET B 329 9.80 25.84 -3.17
N ARG B 330 10.93 25.17 -3.13
CA ARG B 330 12.24 25.80 -2.90
C ARG B 330 12.62 26.72 -4.05
N GLU B 331 12.71 26.12 -5.24
CA GLU B 331 13.04 26.81 -6.48
C GLU B 331 12.25 28.10 -6.58
N MET B 332 10.94 27.98 -6.41
CA MET B 332 10.03 29.11 -6.63
C MET B 332 9.90 29.96 -5.41
N LYS B 333 10.60 29.57 -4.34
CA LYS B 333 10.59 30.29 -3.06
C LYS B 333 9.20 30.56 -2.50
N ILE B 334 8.39 29.52 -2.49
CA ILE B 334 7.08 29.56 -1.90
C ILE B 334 7.26 29.31 -0.41
N PRO B 335 6.80 30.26 0.43
CA PRO B 335 7.06 30.09 1.86
C PRO B 335 6.26 28.89 2.37
N PRO B 336 6.74 28.23 3.45
CA PRO B 336 6.00 27.06 3.92
C PRO B 336 4.63 27.43 4.42
N SER B 337 3.71 26.47 4.38
CA SER B 337 2.34 26.68 4.80
C SER B 337 2.27 27.16 6.24
N THR B 338 1.30 28.04 6.49
CA THR B 338 1.21 28.79 7.74
C THR B 338 -0.24 28.81 8.22
N VAL B 339 -1.00 27.82 7.78
CA VAL B 339 -2.44 27.77 7.94
C VAL B 339 -2.80 26.28 7.97
N PRO B 340 -3.77 25.87 8.81
CA PRO B 340 -4.07 24.44 8.96
C PRO B 340 -4.58 23.84 7.67
N LEU B 341 -4.16 22.61 7.38
CA LEU B 341 -4.81 21.83 6.34
C LEU B 341 -6.29 21.91 6.66
N TYR B 342 -7.11 22.09 5.63
CA TYR B 342 -8.53 22.24 5.82
C TYR B 342 -9.11 20.91 6.24
N LYS B 343 -10.10 20.96 7.13
CA LYS B 343 -10.77 19.75 7.62
C LYS B 343 -12.29 19.92 7.66
N TYR B 344 -12.96 18.97 7.01
CA TYR B 344 -14.40 18.80 7.12
C TYR B 344 -14.66 17.62 8.02
N PRO B 345 -15.82 17.61 8.71
CA PRO B 345 -16.30 16.38 9.34
C PRO B 345 -16.45 15.29 8.31
N TRP B 346 -15.91 14.10 8.58
CA TRP B 346 -16.15 12.95 7.71
C TRP B 346 -17.25 12.12 8.24
#